data_7N6O
#
_entry.id   7N6O
#
_cell.length_a   59.130
_cell.length_b   107.494
_cell.length_c   66.861
_cell.angle_alpha   90.00
_cell.angle_beta   89.88
_cell.angle_gamma   90.00
#
_symmetry.space_group_name_H-M   'P 1 21 1'
#
loop_
_entity.id
_entity.type
_entity.pdbx_description
1 polymer AcXbh30A
2 branched beta-D-xylopyranose-(1-4)-beta-D-xylopyranose
3 non-polymer 'CHLORIDE ION'
4 water water
#
_entity_poly.entity_id   1
_entity_poly.type   'polypeptide(L)'
_entity_poly.pdbx_seq_one_letter_code
;MASTVTVDWDTTYQTIDGFGVSEAFHQSNNIARLGETKQNEIYDLLFSTTDGAGFSIFRSILGDGGTWGNADDGPNKTMQ
PAEDVWDWNESNDDQIPMIRAIQSKYGVDQILYTVWSPPAWMKTNGSVVGGSLRTDKYQAYATYLAEHIKNYKSKFGIEI
THIGIQNEPNLETSYSSCRWSPEELRIFMRDYLVPTFDKENITAKVVFAENMSFNEQYAINSLNDPIAVKRVDIVGAHNY
GSSYIPFTTTKSKGKGIWMTEVSDMNGNDTTINDGLRWAKEIHDFMTITEGNAWFYWWGACFKTYNGEGLIQMDLNSKTY
KVAKRLYTIGQFSRFIRPGWQRIEATKNPVSNVYVTAYKDPKTGKFAIVAINNGWSKQSITYTLKGFSPASVTPYTTSST
QNLEKGSDITVNNSSFSFELAPNSITTFVGDTESASLEHHHHHH
;
_entity_poly.pdbx_strand_id   A,B
#
# COMPACT_ATOMS: atom_id res chain seq x y z
N ALA A 2 -43.86 15.11 15.91
CA ALA A 2 -43.48 16.29 16.67
C ALA A 2 -42.97 15.90 18.05
N SER A 3 -41.64 15.80 18.17
CA SER A 3 -40.98 15.36 19.39
C SER A 3 -40.27 16.53 20.04
N THR A 4 -39.79 16.29 21.27
CA THR A 4 -39.19 17.35 22.07
C THR A 4 -37.81 16.94 22.55
N VAL A 5 -36.84 17.83 22.40
CA VAL A 5 -35.51 17.69 22.95
C VAL A 5 -35.31 18.76 24.02
N THR A 6 -34.82 18.36 25.18
CA THR A 6 -34.48 19.27 26.27
C THR A 6 -32.97 19.33 26.43
N VAL A 7 -32.42 20.54 26.37
CA VAL A 7 -30.98 20.76 26.51
C VAL A 7 -30.76 21.50 27.81
N ASP A 8 -29.95 20.92 28.70
CA ASP A 8 -29.72 21.45 30.05
C ASP A 8 -28.34 22.07 30.12
N TRP A 9 -28.30 23.39 30.38
CA TRP A 9 -27.05 24.13 30.42
C TRP A 9 -26.16 23.70 31.58
N ASP A 10 -26.75 23.26 32.68
CA ASP A 10 -26.03 23.02 33.92
C ASP A 10 -25.81 21.54 34.22
N THR A 11 -26.23 20.64 33.34
CA THR A 11 -25.85 19.24 33.41
C THR A 11 -24.74 19.01 32.39
N THR A 12 -23.51 18.82 32.88
CA THR A 12 -22.33 18.76 32.03
C THR A 12 -21.66 17.41 32.15
N TYR A 13 -20.92 17.04 31.11
CA TYR A 13 -20.29 15.73 31.05
C TYR A 13 -18.81 15.94 30.76
N GLN A 14 -18.27 15.37 29.69
CA GLN A 14 -16.84 15.35 29.47
C GLN A 14 -16.36 16.55 28.68
N THR A 15 -15.09 16.89 28.89
CA THR A 15 -14.43 17.94 28.12
C THR A 15 -13.97 17.38 26.79
N ILE A 16 -14.20 18.14 25.73
CA ILE A 16 -13.84 17.72 24.39
C ILE A 16 -12.47 18.29 24.05
N ASP A 17 -11.53 17.41 23.71
CA ASP A 17 -10.19 17.85 23.33
C ASP A 17 -10.13 18.26 21.87
N GLY A 18 -10.97 17.70 21.01
CA GLY A 18 -11.02 18.12 19.63
C GLY A 18 -11.29 16.96 18.69
N PHE A 19 -11.06 17.22 17.41
CA PHE A 19 -11.29 16.27 16.33
C PHE A 19 -10.09 16.33 15.40
N GLY A 20 -9.68 15.17 14.86
CA GLY A 20 -8.42 15.11 14.15
C GLY A 20 -8.49 14.29 12.87
N VAL A 21 -7.43 14.44 12.08
CA VAL A 21 -7.15 13.65 10.88
C VAL A 21 -5.66 13.41 10.83
N SER A 22 -5.22 12.68 9.80
CA SER A 22 -3.81 12.38 9.62
C SER A 22 -3.43 12.59 8.15
N GLU A 23 -2.14 12.80 7.91
CA GLU A 23 -1.59 12.76 6.56
C GLU A 23 -0.34 11.90 6.49
N ALA A 24 -0.32 10.81 7.26
CA ALA A 24 0.81 9.90 7.30
C ALA A 24 0.96 9.13 5.99
N PHE A 25 2.15 8.55 5.82
CA PHE A 25 2.48 7.69 4.67
C PHE A 25 2.45 8.48 3.36
N HIS A 26 3.09 9.65 3.38
CA HIS A 26 3.32 10.54 2.24
C HIS A 26 2.07 11.27 1.77
N GLN A 27 0.92 11.11 2.44
CA GLN A 27 -0.28 11.78 1.95
C GLN A 27 -0.15 13.31 2.07
N SER A 28 0.63 13.78 3.03
CA SER A 28 0.93 15.22 3.09
C SER A 28 1.64 15.68 1.82
N ASN A 29 2.57 14.87 1.31
CA ASN A 29 3.26 15.23 0.07
C ASN A 29 2.36 15.05 -1.14
N ASN A 30 1.37 14.16 -1.06
CA ASN A 30 0.44 14.01 -2.17
C ASN A 30 -0.47 15.23 -2.31
N ILE A 31 -0.78 15.91 -1.20
CA ILE A 31 -1.53 17.16 -1.28
C ILE A 31 -0.72 18.20 -2.04
N ALA A 32 0.57 18.32 -1.70
CA ALA A 32 1.42 19.32 -2.34
C ALA A 32 1.58 19.06 -3.83
N ARG A 33 1.57 17.80 -4.24
CA ARG A 33 1.72 17.48 -5.66
C ARG A 33 0.51 17.93 -6.49
N LEU A 34 -0.61 18.28 -5.85
CA LEU A 34 -1.73 18.84 -6.60
C LEU A 34 -1.49 20.29 -7.00
N GLY A 35 -0.43 20.91 -6.52
CA GLY A 35 -0.18 22.31 -6.80
C GLY A 35 -0.62 23.20 -5.65
N GLU A 36 -0.04 24.41 -5.62
CA GLU A 36 -0.24 25.31 -4.50
C GLU A 36 -1.70 25.70 -4.34
N THR A 37 -2.42 25.87 -5.45
CA THR A 37 -3.80 26.33 -5.35
C THR A 37 -4.69 25.26 -4.71
N LYS A 38 -4.66 24.04 -5.23
CA LYS A 38 -5.49 22.98 -4.66
C LYS A 38 -4.98 22.55 -3.28
N GLN A 39 -3.67 22.69 -3.03
CA GLN A 39 -3.14 22.42 -1.70
C GLN A 39 -3.80 23.33 -0.67
N ASN A 40 -3.85 24.62 -0.96
CA ASN A 40 -4.48 25.55 -0.02
C ASN A 40 -5.98 25.32 0.06
N GLU A 41 -6.61 24.88 -1.02
CA GLU A 41 -8.04 24.57 -0.96
C GLU A 41 -8.29 23.40 -0.02
N ILE A 42 -7.41 22.41 -0.03
CA ILE A 42 -7.58 21.23 0.81
C ILE A 42 -7.27 21.56 2.27
N TYR A 43 -6.20 22.32 2.53
CA TYR A 43 -5.96 22.81 3.88
C TYR A 43 -7.18 23.53 4.41
N ASP A 44 -7.81 24.36 3.57
CA ASP A 44 -8.99 25.12 3.96
C ASP A 44 -10.15 24.20 4.30
N LEU A 45 -10.44 23.24 3.43
CA LEU A 45 -11.55 22.33 3.68
C LEU A 45 -11.36 21.53 4.96
N LEU A 46 -10.12 21.23 5.33
CA LEU A 46 -9.88 20.43 6.52
C LEU A 46 -9.88 21.24 7.80
N PHE A 47 -9.25 22.44 7.80
CA PHE A 47 -8.91 23.10 9.05
C PHE A 47 -9.56 24.46 9.27
N SER A 48 -10.15 25.06 8.25
CA SER A 48 -10.81 26.35 8.44
C SER A 48 -12.08 26.17 9.24
N THR A 49 -12.29 27.05 10.21
CA THR A 49 -13.52 27.03 11.01
C THR A 49 -14.63 27.86 10.38
N THR A 50 -14.38 28.49 9.24
CA THR A 50 -15.40 29.27 8.55
C THR A 50 -15.87 28.66 7.24
N ASP A 51 -15.00 27.97 6.49
CA ASP A 51 -15.44 27.29 5.28
C ASP A 51 -14.91 25.86 5.20
N GLY A 52 -14.57 25.26 6.34
CA GLY A 52 -14.10 23.90 6.37
C GLY A 52 -14.63 23.10 7.55
N ALA A 53 -14.03 21.94 7.82
CA ALA A 53 -14.39 21.12 8.96
C ALA A 53 -13.72 21.55 10.25
N GLY A 54 -12.75 22.45 10.19
CA GLY A 54 -12.16 22.97 11.41
C GLY A 54 -11.56 21.92 12.32
N PHE A 55 -10.87 20.93 11.75
CA PHE A 55 -10.21 19.95 12.58
C PHE A 55 -9.17 20.62 13.46
N SER A 56 -9.13 20.18 14.73
CA SER A 56 -8.36 20.85 15.77
C SER A 56 -7.20 20.01 16.31
N ILE A 57 -7.05 18.76 15.86
CA ILE A 57 -5.92 17.92 16.20
C ILE A 57 -5.37 17.34 14.91
N PHE A 58 -4.06 17.15 14.86
CA PHE A 58 -3.39 16.64 13.66
C PHE A 58 -2.50 15.48 14.06
N ARG A 59 -2.73 14.32 13.43
CA ARG A 59 -2.02 13.08 13.74
C ARG A 59 -1.00 12.80 12.64
N SER A 60 0.23 12.49 13.03
CA SER A 60 1.30 12.26 12.07
C SER A 60 2.10 11.03 12.49
N ILE A 61 2.85 10.47 11.54
CA ILE A 61 3.68 9.30 11.82
C ILE A 61 5.08 9.74 12.20
N LEU A 62 5.60 9.18 13.29
CA LEU A 62 7.00 9.33 13.67
C LEU A 62 7.83 8.39 12.81
N GLY A 63 8.64 8.96 11.92
CA GLY A 63 9.38 8.20 10.93
C GLY A 63 10.16 7.03 11.49
N ASP A 64 10.06 5.87 10.83
CA ASP A 64 10.71 4.65 11.31
C ASP A 64 11.84 4.17 10.42
N GLY A 65 12.04 4.77 9.25
CA GLY A 65 13.10 4.36 8.36
C GLY A 65 12.82 3.13 7.55
N GLY A 66 11.55 2.76 7.37
CA GLY A 66 11.22 1.57 6.62
C GLY A 66 11.60 1.70 5.15
N THR A 67 11.67 0.55 4.49
CA THR A 67 11.97 0.50 3.07
C THR A 67 10.82 -0.05 2.24
N TRP A 68 9.70 -0.38 2.87
CA TRP A 68 8.53 -0.89 2.16
C TRP A 68 7.87 0.22 1.34
N GLY A 69 6.77 -0.12 0.67
CA GLY A 69 5.92 0.83 -0.02
C GLY A 69 6.63 1.54 -1.16
N ASN A 70 6.16 2.75 -1.47
CA ASN A 70 6.77 3.58 -2.50
C ASN A 70 6.54 5.05 -2.16
N ALA A 71 6.87 5.93 -3.11
CA ALA A 71 6.79 7.36 -2.87
C ALA A 71 5.36 7.89 -2.78
N ASP A 72 4.37 7.16 -3.31
CA ASP A 72 2.98 7.58 -3.17
C ASP A 72 2.38 7.13 -1.86
N ASP A 73 2.90 6.05 -1.28
CA ASP A 73 2.37 5.48 -0.04
C ASP A 73 3.51 4.66 0.56
N GLY A 74 4.13 5.20 1.60
CA GLY A 74 5.30 4.57 2.17
C GLY A 74 5.82 5.26 3.42
N PRO A 75 6.93 4.75 3.94
CA PRO A 75 7.48 5.26 5.20
C PRO A 75 8.42 6.43 5.00
N ASN A 76 8.61 7.17 6.09
CA ASN A 76 9.59 8.24 6.16
C ASN A 76 10.86 7.76 6.83
N LYS A 77 11.99 8.35 6.43
CA LYS A 77 13.24 8.11 7.14
C LYS A 77 13.05 8.43 8.62
N THR A 78 13.86 7.79 9.45
CA THR A 78 13.84 8.03 10.89
C THR A 78 14.97 8.97 11.28
N MET A 79 14.77 9.69 12.39
CA MET A 79 15.79 10.60 12.90
C MET A 79 16.90 9.88 13.64
N GLN A 80 16.72 8.60 14.00
CA GLN A 80 17.79 7.77 14.56
C GLN A 80 17.94 6.52 13.69
N PRO A 81 18.62 6.63 12.55
CA PRO A 81 18.72 5.47 11.66
C PRO A 81 19.59 4.34 12.20
N ALA A 82 20.46 4.60 13.17
CA ALA A 82 21.23 3.55 13.81
C ALA A 82 21.34 3.88 15.30
N GLU A 83 21.68 2.88 16.10
CA GLU A 83 21.73 3.07 17.55
C GLU A 83 22.74 4.16 17.93
N ASP A 84 23.79 4.34 17.12
CA ASP A 84 24.82 5.32 17.41
C ASP A 84 24.80 6.50 16.44
N VAL A 85 23.67 6.72 15.75
CA VAL A 85 23.58 7.80 14.77
C VAL A 85 22.22 8.47 14.91
N TRP A 86 22.23 9.78 15.18
CA TRP A 86 21.05 10.61 15.03
C TRP A 86 21.20 11.47 13.79
N ASP A 87 20.06 11.74 13.13
CA ASP A 87 20.05 12.47 11.86
C ASP A 87 18.86 13.44 11.87
N TRP A 88 19.05 14.58 12.54
CA TRP A 88 17.99 15.58 12.70
C TRP A 88 17.90 16.42 11.42
N ASN A 89 17.43 15.76 10.37
CA ASN A 89 17.19 16.38 9.08
C ASN A 89 15.68 16.55 8.93
N GLU A 90 15.21 17.80 8.87
CA GLU A 90 13.77 18.00 8.80
C GLU A 90 13.18 17.50 7.48
N SER A 91 14.02 17.23 6.47
CA SER A 91 13.53 16.67 5.22
C SER A 91 13.11 15.21 5.36
N ASN A 92 13.52 14.54 6.44
CA ASN A 92 13.10 13.17 6.67
C ASN A 92 11.61 13.06 6.91
N ASP A 93 11.01 14.08 7.53
CA ASP A 93 9.60 14.08 7.89
C ASP A 93 8.86 14.98 6.91
N ASP A 94 8.17 14.37 5.94
CA ASP A 94 7.46 15.13 4.91
C ASP A 94 6.14 15.71 5.41
N GLN A 95 5.86 15.62 6.71
CA GLN A 95 4.69 16.25 7.31
C GLN A 95 4.99 17.59 7.95
N ILE A 96 6.28 17.91 8.11
CA ILE A 96 6.67 19.15 8.79
C ILE A 96 6.23 20.39 8.03
N PRO A 97 6.39 20.49 6.70
CA PRO A 97 5.88 21.69 6.02
C PRO A 97 4.39 21.91 6.22
N MET A 98 3.59 20.84 6.22
CA MET A 98 2.15 21.00 6.39
C MET A 98 1.82 21.39 7.83
N ILE A 99 2.55 20.84 8.80
CA ILE A 99 2.30 21.20 10.20
C ILE A 99 2.53 22.69 10.40
N ARG A 100 3.66 23.21 9.88
CA ARG A 100 3.95 24.64 10.04
C ARG A 100 2.88 25.49 9.39
N ALA A 101 2.41 25.08 8.21
CA ALA A 101 1.41 25.89 7.49
C ALA A 101 0.08 25.92 8.23
N ILE A 102 -0.36 24.77 8.76
CA ILE A 102 -1.69 24.72 9.38
C ILE A 102 -1.68 25.21 10.82
N GLN A 103 -0.55 25.14 11.51
CA GLN A 103 -0.46 25.78 12.82
C GLN A 103 -0.51 27.30 12.67
N SER A 104 0.22 27.84 11.69
CA SER A 104 0.21 29.27 11.46
C SER A 104 -1.15 29.74 10.97
N LYS A 105 -1.63 29.17 9.87
CA LYS A 105 -2.81 29.74 9.22
C LYS A 105 -4.08 29.48 9.99
N TYR A 106 -4.18 28.35 10.67
CA TYR A 106 -5.45 27.93 11.28
C TYR A 106 -5.36 27.73 12.79
N GLY A 107 -4.19 27.90 13.40
CA GLY A 107 -4.10 27.79 14.83
C GLY A 107 -4.24 26.39 15.36
N VAL A 108 -4.07 25.38 14.52
CA VAL A 108 -4.06 23.99 14.96
C VAL A 108 -2.90 23.84 15.93
N ASP A 109 -3.19 23.65 17.21
CA ASP A 109 -2.15 23.66 18.23
C ASP A 109 -2.08 22.37 19.02
N GLN A 110 -2.75 21.31 18.57
CA GLN A 110 -2.60 19.99 19.15
C GLN A 110 -1.99 19.08 18.08
N ILE A 111 -0.80 18.56 18.37
CA ILE A 111 0.01 17.84 17.40
C ILE A 111 0.31 16.48 18.00
N LEU A 112 -0.34 15.45 17.47
CA LEU A 112 -0.13 14.07 17.89
C LEU A 112 0.80 13.38 16.90
N TYR A 113 1.86 12.77 17.41
CA TYR A 113 2.72 11.90 16.61
C TYR A 113 2.58 10.48 17.12
N THR A 114 2.20 9.57 16.22
CA THR A 114 2.00 8.17 16.54
C THR A 114 3.12 7.35 15.92
N VAL A 115 3.64 6.40 16.69
CA VAL A 115 4.66 5.46 16.18
C VAL A 115 3.95 4.23 15.64
N TRP A 116 4.18 3.94 14.36
CA TRP A 116 3.70 2.69 13.80
C TRP A 116 4.67 1.55 14.09
N SER A 117 5.98 1.83 14.12
CA SER A 117 6.97 0.83 14.49
C SER A 117 8.24 1.53 14.96
N PRO A 118 8.93 0.99 15.96
CA PRO A 118 10.30 1.42 16.23
C PRO A 118 11.18 1.14 15.01
N PRO A 119 12.34 1.79 14.91
CA PRO A 119 13.22 1.53 13.78
C PRO A 119 13.73 0.10 13.79
N ALA A 120 14.21 -0.34 12.63
CA ALA A 120 14.50 -1.76 12.41
C ALA A 120 15.52 -2.29 13.41
N TRP A 121 16.52 -1.49 13.77
CA TRP A 121 17.58 -1.97 14.66
C TRP A 121 17.08 -2.24 16.07
N MET A 122 15.85 -1.84 16.42
CA MET A 122 15.25 -2.20 17.70
C MET A 122 14.33 -3.41 17.62
N LYS A 123 14.04 -3.90 16.42
CA LYS A 123 12.97 -4.87 16.23
C LYS A 123 13.48 -6.31 16.26
N THR A 124 12.61 -7.21 16.71
CA THR A 124 12.98 -8.62 16.86
C THR A 124 13.31 -9.27 15.51
N ASN A 125 12.67 -8.82 14.44
CA ASN A 125 12.89 -9.36 13.10
C ASN A 125 13.78 -8.47 12.25
N GLY A 126 14.41 -7.45 12.84
CA GLY A 126 15.27 -6.57 12.07
C GLY A 126 14.54 -5.80 10.98
N SER A 127 13.24 -5.57 11.15
CA SER A 127 12.47 -4.83 10.15
C SER A 127 11.38 -4.04 10.83
N VAL A 128 10.96 -2.95 10.18
CA VAL A 128 9.84 -2.16 10.70
C VAL A 128 8.50 -2.80 10.39
N VAL A 129 8.47 -3.86 9.59
CA VAL A 129 7.25 -4.54 9.17
C VAL A 129 7.08 -5.79 10.03
N GLY A 130 6.10 -5.75 10.93
CA GLY A 130 5.85 -6.85 11.82
C GLY A 130 6.93 -6.98 12.89
N GLY A 131 6.85 -8.07 13.63
CA GLY A 131 7.76 -8.30 14.72
C GLY A 131 7.35 -7.53 15.96
N SER A 132 8.27 -7.51 16.93
CA SER A 132 8.06 -6.82 18.20
C SER A 132 9.32 -6.02 18.55
N LEU A 133 9.24 -5.30 19.66
CA LEU A 133 10.37 -4.55 20.18
C LEU A 133 11.22 -5.47 21.03
N ARG A 134 12.52 -5.52 20.72
CA ARG A 134 13.44 -6.33 21.52
C ARG A 134 13.46 -5.84 22.95
N THR A 135 13.43 -6.77 23.90
CA THR A 135 13.39 -6.39 25.31
C THR A 135 14.66 -5.66 25.73
N ASP A 136 15.79 -5.95 25.07
CA ASP A 136 17.01 -5.22 25.33
C ASP A 136 17.09 -3.89 24.56
N LYS A 137 15.96 -3.45 24.01
CA LYS A 137 15.87 -2.16 23.34
C LYS A 137 14.74 -1.31 23.92
N TYR A 138 14.24 -1.67 25.11
CA TYR A 138 13.19 -0.88 25.75
C TYR A 138 13.70 0.50 26.14
N GLN A 139 14.90 0.58 26.70
CA GLN A 139 15.44 1.89 27.05
C GLN A 139 15.74 2.71 25.81
N ALA A 140 16.30 2.09 24.77
CA ALA A 140 16.57 2.81 23.53
C ALA A 140 15.30 3.39 22.93
N TYR A 141 14.17 2.71 23.11
CA TYR A 141 12.92 3.23 22.56
C TYR A 141 12.34 4.33 23.44
N ALA A 142 12.49 4.22 24.76
CA ALA A 142 12.06 5.32 25.64
C ALA A 142 12.86 6.57 25.34
N THR A 143 14.18 6.43 25.26
CA THR A 143 15.05 7.54 24.85
C THR A 143 14.68 8.06 23.46
N TYR A 144 14.42 7.15 22.53
CA TYR A 144 13.98 7.51 21.18
C TYR A 144 12.78 8.45 21.23
N LEU A 145 11.78 8.11 22.05
CA LEU A 145 10.56 8.92 22.12
C LEU A 145 10.84 10.27 22.76
N ALA A 146 11.57 10.28 23.88
CA ALA A 146 11.87 11.54 24.56
C ALA A 146 12.69 12.46 23.68
N GLU A 147 13.73 11.93 23.01
CA GLU A 147 14.55 12.76 22.14
C GLU A 147 13.75 13.36 21.00
N HIS A 148 12.71 12.67 20.53
CA HIS A 148 11.91 13.22 19.44
C HIS A 148 11.08 14.41 19.92
N ILE A 149 10.44 14.28 21.08
CA ILE A 149 9.67 15.40 21.62
C ILE A 149 10.57 16.60 21.88
N LYS A 150 11.76 16.35 22.45
CA LYS A 150 12.69 17.41 22.77
C LYS A 150 13.22 18.09 21.52
N ASN A 151 13.68 17.31 20.54
CA ASN A 151 14.38 17.88 19.39
C ASN A 151 13.46 18.32 18.26
N TYR A 152 12.21 17.83 18.23
CA TYR A 152 11.26 18.43 17.30
C TYR A 152 10.99 19.88 17.67
N LYS A 153 11.04 20.19 18.97
CA LYS A 153 10.94 21.56 19.43
C LYS A 153 12.26 22.30 19.24
N SER A 154 13.34 21.79 19.82
CA SER A 154 14.59 22.54 19.86
C SER A 154 15.26 22.66 18.49
N LYS A 155 14.94 21.78 17.54
CA LYS A 155 15.58 21.84 16.23
C LYS A 155 14.62 22.28 15.14
N PHE A 156 13.41 21.74 15.10
CA PHE A 156 12.44 22.06 14.07
C PHE A 156 11.40 23.09 14.50
N GLY A 157 11.33 23.40 15.80
CA GLY A 157 10.35 24.36 16.26
C GLY A 157 8.93 23.85 16.31
N ILE A 158 8.75 22.54 16.44
CA ILE A 158 7.44 21.92 16.47
C ILE A 158 7.21 21.35 17.86
N GLU A 159 6.10 21.72 18.47
CA GLU A 159 5.74 21.28 19.81
C GLU A 159 4.81 20.08 19.68
N ILE A 160 5.35 18.89 19.95
CA ILE A 160 4.54 17.67 19.98
C ILE A 160 3.84 17.63 21.34
N THR A 161 2.53 17.81 21.33
CA THR A 161 1.75 17.85 22.56
C THR A 161 1.24 16.49 22.98
N HIS A 162 1.20 15.52 22.08
CA HIS A 162 0.71 14.18 22.37
C HIS A 162 1.58 13.19 21.62
N ILE A 163 1.96 12.12 22.30
CA ILE A 163 2.84 11.10 21.72
C ILE A 163 2.13 9.75 21.81
N GLY A 164 1.91 9.12 20.65
CA GLY A 164 1.31 7.81 20.60
C GLY A 164 2.35 6.71 20.53
N ILE A 165 2.43 5.88 21.57
CA ILE A 165 3.59 5.01 21.72
C ILE A 165 3.55 3.80 20.79
N GLN A 166 2.37 3.40 20.30
CA GLN A 166 2.32 2.30 19.33
C GLN A 166 0.95 2.29 18.67
N ASN A 167 0.94 2.30 17.34
CA ASN A 167 -0.27 2.12 16.57
C ASN A 167 -0.60 0.63 16.46
N GLU A 168 -1.82 0.26 16.90
CA GLU A 168 -2.35 -1.10 16.84
C GLU A 168 -1.34 -2.14 17.28
N PRO A 169 -1.01 -2.19 18.58
CA PRO A 169 -0.04 -3.19 19.06
C PRO A 169 -0.50 -4.63 18.89
N ASN A 170 -1.75 -4.86 18.48
CA ASN A 170 -2.26 -6.21 18.29
C ASN A 170 -1.91 -6.79 16.93
N LEU A 171 -1.41 -5.99 16.00
CA LEU A 171 -1.41 -6.32 14.59
C LEU A 171 -0.01 -6.25 14.00
N GLU A 172 0.38 -7.31 13.30
CA GLU A 172 1.49 -7.27 12.35
C GLU A 172 0.89 -7.14 10.96
N THR A 173 1.38 -6.19 10.19
CA THR A 173 0.82 -5.87 8.88
C THR A 173 1.88 -6.04 7.82
N SER A 174 1.54 -5.65 6.59
CA SER A 174 2.48 -5.62 5.48
C SER A 174 3.21 -4.29 5.39
N TYR A 175 3.09 -3.43 6.40
CA TYR A 175 3.76 -2.14 6.44
C TYR A 175 4.25 -1.94 7.87
N SER A 176 4.53 -0.70 8.25
CA SER A 176 5.07 -0.41 9.57
C SER A 176 4.12 -0.91 10.65
N SER A 177 4.64 -1.77 11.53
CA SER A 177 3.82 -2.37 12.58
C SER A 177 4.75 -2.94 13.64
N CYS A 178 4.21 -3.14 14.84
CA CYS A 178 4.99 -3.69 15.93
C CYS A 178 4.02 -4.24 16.96
N ARG A 179 4.16 -5.52 17.29
CA ARG A 179 3.20 -6.16 18.19
C ARG A 179 3.69 -6.10 19.63
N TRP A 180 2.78 -5.74 20.52
CA TRP A 180 3.02 -5.74 21.96
C TRP A 180 1.92 -6.53 22.65
N SER A 181 2.27 -7.11 23.77
CA SER A 181 1.25 -7.59 24.69
C SER A 181 0.94 -6.51 25.70
N PRO A 182 -0.21 -6.57 26.38
CA PRO A 182 -0.48 -5.59 27.43
C PRO A 182 0.56 -5.56 28.53
N GLU A 183 1.11 -6.73 28.91
CA GLU A 183 2.11 -6.76 29.98
C GLU A 183 3.43 -6.17 29.52
N GLU A 184 3.79 -6.36 28.25
CA GLU A 184 5.00 -5.72 27.74
C GLU A 184 4.87 -4.21 27.75
N LEU A 185 3.65 -3.71 27.56
CA LEU A 185 3.44 -2.26 27.58
C LEU A 185 3.58 -1.71 28.99
N ARG A 186 3.04 -2.42 29.99
CA ARG A 186 3.19 -1.98 31.36
C ARG A 186 4.65 -1.94 31.78
N ILE A 187 5.43 -2.96 31.40
CA ILE A 187 6.85 -2.99 31.74
C ILE A 187 7.58 -1.84 31.08
N PHE A 188 7.22 -1.53 29.84
CA PHE A 188 7.84 -0.40 29.15
C PHE A 188 7.49 0.92 29.81
N MET A 189 6.22 1.08 30.19
CA MET A 189 5.80 2.31 30.85
C MET A 189 6.46 2.46 32.22
N ARG A 190 6.34 1.43 33.05
CA ARG A 190 6.76 1.54 34.45
C ARG A 190 8.27 1.65 34.58
N ASP A 191 9.02 0.85 33.82
CA ASP A 191 10.46 0.77 34.01
C ASP A 191 11.27 1.64 33.03
N TYR A 192 10.63 2.20 32.00
CA TYR A 192 11.41 2.88 30.97
C TYR A 192 10.85 4.24 30.60
N LEU A 193 9.58 4.29 30.18
CA LEU A 193 9.00 5.56 29.72
C LEU A 193 8.83 6.53 30.89
N VAL A 194 8.22 6.10 31.99
CA VAL A 194 7.97 7.01 33.10
C VAL A 194 9.25 7.57 33.69
N PRO A 195 10.28 6.77 33.99
CA PRO A 195 11.52 7.38 34.50
C PRO A 195 12.28 8.19 33.47
N THR A 196 12.20 7.83 32.19
CA THR A 196 12.89 8.61 31.17
C THR A 196 12.18 9.93 30.91
N PHE A 197 10.85 9.90 30.84
CA PHE A 197 10.11 11.15 30.63
C PHE A 197 10.20 12.06 31.84
N ASP A 198 10.24 11.50 33.05
CA ASP A 198 10.44 12.31 34.24
C ASP A 198 11.82 12.95 34.22
N LYS A 199 12.84 12.17 33.87
CA LYS A 199 14.21 12.67 33.84
C LYS A 199 14.39 13.77 32.79
N GLU A 200 13.69 13.67 31.67
CA GLU A 200 13.79 14.66 30.61
C GLU A 200 12.71 15.73 30.70
N ASN A 201 11.90 15.72 31.76
CA ASN A 201 10.86 16.71 31.99
C ASN A 201 9.95 16.87 30.77
N ILE A 202 9.44 15.74 30.28
CA ILE A 202 8.53 15.75 29.16
C ILE A 202 7.14 16.13 29.64
N THR A 203 6.54 17.13 28.99
CA THR A 203 5.18 17.55 29.31
C THR A 203 4.17 17.11 28.26
N ALA A 204 4.62 16.45 27.20
CA ALA A 204 3.70 15.89 26.22
C ALA A 204 2.88 14.77 26.86
N LYS A 205 1.60 14.73 26.52
CA LYS A 205 0.72 13.68 27.03
C LYS A 205 0.89 12.41 26.20
N VAL A 206 0.77 11.27 26.86
CA VAL A 206 0.91 9.98 26.19
C VAL A 206 -0.47 9.49 25.77
N VAL A 207 -0.64 9.19 24.49
CA VAL A 207 -1.82 8.49 24.00
C VAL A 207 -1.46 7.01 23.97
N PHE A 208 -2.07 6.24 24.86
CA PHE A 208 -1.60 4.87 25.05
C PHE A 208 -1.89 4.03 23.80
N ALA A 209 -1.09 2.96 23.66
CA ALA A 209 -1.09 2.04 22.52
C ALA A 209 -2.47 1.87 21.89
N GLU A 210 -2.61 2.31 20.63
CA GLU A 210 -3.92 2.51 20.01
C GLU A 210 -4.41 1.17 19.46
N ASN A 211 -5.18 0.47 20.28
CA ASN A 211 -5.74 -0.82 19.90
C ASN A 211 -6.58 -0.71 18.63
N MET A 212 -6.43 -1.70 17.75
CA MET A 212 -7.21 -1.72 16.51
C MET A 212 -8.70 -1.77 16.80
N SER A 213 -9.09 -2.47 17.86
CA SER A 213 -10.47 -2.58 18.28
C SER A 213 -10.72 -1.63 19.45
N PHE A 214 -11.97 -1.15 19.56
CA PHE A 214 -12.31 -0.10 20.50
C PHE A 214 -12.61 -0.70 21.87
N ASN A 215 -11.54 -0.99 22.61
CA ASN A 215 -11.63 -1.37 24.01
C ASN A 215 -10.35 -0.94 24.72
N GLU A 216 -10.38 -1.00 26.06
CA GLU A 216 -9.25 -0.58 26.88
C GLU A 216 -8.39 -1.74 27.34
N GLN A 217 -8.44 -2.87 26.64
CA GLN A 217 -7.79 -4.08 27.16
C GLN A 217 -6.28 -3.93 27.22
N TYR A 218 -5.69 -3.22 26.26
CA TYR A 218 -4.25 -3.07 26.28
C TYR A 218 -3.77 -2.10 27.36
N ALA A 219 -4.69 -1.30 27.92
CA ALA A 219 -4.34 -0.28 28.90
C ALA A 219 -4.62 -0.69 30.34
N ILE A 220 -5.48 -1.69 30.55
CA ILE A 220 -5.87 -2.07 31.92
C ILE A 220 -4.64 -2.37 32.77
N ASN A 221 -3.66 -3.08 32.21
CA ASN A 221 -2.48 -3.45 33.00
C ASN A 221 -1.73 -2.21 33.50
N SER A 222 -1.55 -1.22 32.62
CA SER A 222 -0.83 -0.01 32.99
C SER A 222 -1.68 0.90 33.88
N LEU A 223 -2.99 0.99 33.60
CA LEU A 223 -3.87 1.83 34.41
C LEU A 223 -3.91 1.37 35.86
N ASN A 224 -3.73 0.08 36.10
CA ASN A 224 -3.73 -0.46 37.46
C ASN A 224 -2.34 -0.50 38.07
N ASP A 225 -1.31 -0.11 37.33
CA ASP A 225 0.05 -0.04 37.86
C ASP A 225 0.28 1.34 38.46
N PRO A 226 0.72 1.42 39.72
CA PRO A 226 0.85 2.73 40.37
C PRO A 226 1.90 3.63 39.75
N ILE A 227 2.89 3.09 39.05
CA ILE A 227 3.90 3.91 38.37
C ILE A 227 3.51 4.20 36.93
N ALA A 228 3.03 3.20 36.20
CA ALA A 228 2.68 3.41 34.80
C ALA A 228 1.52 4.40 34.65
N VAL A 229 0.58 4.41 35.60
CA VAL A 229 -0.61 5.24 35.47
C VAL A 229 -0.29 6.73 35.52
N LYS A 230 0.89 7.11 36.02
CA LYS A 230 1.26 8.52 36.05
C LYS A 230 1.30 9.13 34.67
N ARG A 231 1.64 8.35 33.64
CA ARG A 231 1.72 8.87 32.28
C ARG A 231 0.83 8.11 31.31
N VAL A 232 -0.23 7.46 31.80
CA VAL A 232 -1.30 7.00 30.93
C VAL A 232 -2.29 8.14 30.84
N ASP A 233 -1.87 9.23 30.19
CA ASP A 233 -2.69 10.43 30.17
C ASP A 233 -3.98 10.18 29.39
N ILE A 234 -3.87 9.50 28.26
CA ILE A 234 -4.99 9.22 27.37
C ILE A 234 -4.91 7.77 26.95
N VAL A 235 -6.06 7.10 26.92
CA VAL A 235 -6.18 5.76 26.36
C VAL A 235 -6.71 5.90 24.93
N GLY A 236 -5.89 5.51 23.96
CA GLY A 236 -6.26 5.57 22.56
C GLY A 236 -6.78 4.23 22.05
N ALA A 237 -7.60 4.29 21.01
CA ALA A 237 -8.15 3.08 20.41
C ALA A 237 -8.77 3.42 19.07
N HIS A 238 -8.64 2.51 18.11
CA HIS A 238 -9.34 2.65 16.84
C HIS A 238 -10.70 1.97 16.96
N ASN A 239 -11.51 2.06 15.90
CA ASN A 239 -12.85 1.47 15.89
C ASN A 239 -13.06 0.63 14.64
N TYR A 240 -12.07 -0.18 14.30
CA TYR A 240 -12.12 -1.04 13.13
C TYR A 240 -12.72 -2.39 13.52
N GLY A 241 -13.96 -2.64 13.10
CA GLY A 241 -14.64 -3.88 13.38
C GLY A 241 -15.27 -3.98 14.74
N SER A 242 -15.29 -2.92 15.52
CA SER A 242 -15.85 -2.93 16.86
C SER A 242 -16.97 -1.91 16.96
N SER A 243 -17.44 -1.67 18.20
CA SER A 243 -18.47 -0.68 18.45
C SER A 243 -18.11 0.07 19.73
N TYR A 244 -18.88 1.12 20.01
CA TYR A 244 -18.54 2.02 21.10
C TYR A 244 -19.04 1.47 22.43
N ILE A 245 -18.12 1.28 23.37
CA ILE A 245 -18.44 0.75 24.69
C ILE A 245 -17.81 1.67 25.74
N PRO A 246 -18.24 1.55 26.99
CA PRO A 246 -17.55 2.28 28.07
C PRO A 246 -16.15 1.71 28.31
N PHE A 247 -15.23 2.62 28.67
CA PHE A 247 -13.89 2.25 29.12
C PHE A 247 -13.89 2.40 30.64
N THR A 248 -14.30 1.33 31.34
CA THR A 248 -14.59 1.44 32.77
C THR A 248 -13.37 1.83 33.58
N THR A 249 -12.25 1.10 33.40
CA THR A 249 -11.04 1.40 34.17
C THR A 249 -10.46 2.76 33.80
N THR A 250 -10.56 3.15 32.53
CA THR A 250 -10.03 4.45 32.10
C THR A 250 -10.74 5.60 32.80
N LYS A 251 -12.07 5.53 32.88
CA LYS A 251 -12.81 6.57 33.58
C LYS A 251 -12.56 6.54 35.08
N SER A 252 -12.31 5.36 35.66
CA SER A 252 -12.06 5.28 37.08
C SER A 252 -10.74 5.94 37.46
N LYS A 253 -9.80 6.00 36.52
CA LYS A 253 -8.51 6.64 36.77
C LYS A 253 -8.48 8.09 36.33
N GLY A 254 -9.60 8.63 35.86
CA GLY A 254 -9.66 10.02 35.47
C GLY A 254 -8.89 10.36 34.21
N LYS A 255 -8.69 9.38 33.34
CA LYS A 255 -7.91 9.59 32.13
C LYS A 255 -8.82 9.90 30.93
N GLY A 256 -8.21 10.44 29.87
CA GLY A 256 -8.93 10.74 28.66
C GLY A 256 -9.07 9.53 27.74
N ILE A 257 -9.97 9.65 26.78
CA ILE A 257 -10.25 8.62 25.79
C ILE A 257 -10.21 9.26 24.42
N TRP A 258 -9.31 8.78 23.56
CA TRP A 258 -9.17 9.29 22.20
C TRP A 258 -9.39 8.14 21.23
N MET A 259 -10.38 8.28 20.35
CA MET A 259 -10.54 7.37 19.22
C MET A 259 -9.75 7.94 18.05
N THR A 260 -8.54 7.44 17.83
CA THR A 260 -7.55 8.11 17.01
C THR A 260 -7.57 7.72 15.54
N GLU A 261 -8.41 6.76 15.13
CA GLU A 261 -8.48 6.41 13.71
C GLU A 261 -9.67 5.51 13.40
N VAL A 262 -10.38 5.84 12.33
CA VAL A 262 -11.40 4.96 11.76
C VAL A 262 -11.64 5.42 10.34
N SER A 263 -12.09 4.50 9.49
CA SER A 263 -12.34 4.77 8.08
C SER A 263 -13.01 3.54 7.50
N ASP A 264 -13.42 3.65 6.23
CA ASP A 264 -14.04 2.57 5.47
C ASP A 264 -13.01 2.04 4.48
N MET A 265 -12.36 0.93 4.83
CA MET A 265 -11.38 0.30 3.95
C MET A 265 -11.99 -0.73 3.01
N ASN A 266 -13.26 -1.08 3.21
CA ASN A 266 -13.90 -2.13 2.42
C ASN A 266 -14.88 -1.63 1.37
N GLY A 267 -15.38 -0.39 1.51
CA GLY A 267 -16.31 0.17 0.56
C GLY A 267 -15.87 1.53 0.09
N ASN A 268 -16.60 2.07 -0.88
CA ASN A 268 -16.30 3.39 -1.45
C ASN A 268 -17.63 4.14 -1.60
N ASP A 269 -18.22 4.49 -0.46
CA ASP A 269 -19.44 5.28 -0.43
C ASP A 269 -19.07 6.70 -0.03
N THR A 270 -19.31 7.66 -0.92
CA THR A 270 -19.01 9.06 -0.65
C THR A 270 -20.26 9.90 -0.48
N THR A 271 -21.43 9.27 -0.36
CA THR A 271 -22.69 9.98 -0.30
C THR A 271 -23.07 10.26 1.16
N ILE A 272 -24.26 10.82 1.35
CA ILE A 272 -24.71 11.20 2.69
C ILE A 272 -24.89 9.98 3.58
N ASN A 273 -25.18 8.82 3.00
CA ASN A 273 -25.36 7.62 3.82
C ASN A 273 -24.07 7.27 4.55
N ASP A 274 -22.93 7.35 3.86
CA ASP A 274 -21.65 7.14 4.54
C ASP A 274 -21.36 8.27 5.50
N GLY A 275 -21.68 9.51 5.12
CA GLY A 275 -21.45 10.63 6.01
C GLY A 275 -22.21 10.50 7.33
N LEU A 276 -23.47 10.05 7.26
CA LEU A 276 -24.26 9.86 8.47
C LEU A 276 -23.83 8.65 9.28
N ARG A 277 -23.20 7.66 8.66
CA ARG A 277 -22.59 6.58 9.43
C ARG A 277 -21.56 7.12 10.40
N TRP A 278 -20.72 8.05 9.93
CA TRP A 278 -19.65 8.55 10.78
C TRP A 278 -20.16 9.58 11.78
N ALA A 279 -21.17 10.36 11.41
CA ALA A 279 -21.80 11.23 12.39
C ALA A 279 -22.39 10.43 13.53
N LYS A 280 -22.97 9.26 13.23
CA LYS A 280 -23.54 8.40 14.26
C LYS A 280 -22.46 7.78 15.12
N GLU A 281 -21.28 7.51 14.54
CA GLU A 281 -20.17 7.01 15.33
C GLU A 281 -19.73 8.05 16.37
N ILE A 282 -19.63 9.31 15.96
CA ILE A 282 -19.30 10.39 16.90
C ILE A 282 -20.35 10.47 18.00
N HIS A 283 -21.63 10.49 17.61
CA HIS A 283 -22.70 10.54 18.60
C HIS A 283 -22.62 9.41 19.61
N ASP A 284 -22.31 8.19 19.15
CA ASP A 284 -22.15 7.07 20.07
C ASP A 284 -20.91 7.22 20.92
N PHE A 285 -19.82 7.71 20.33
CA PHE A 285 -18.59 7.99 21.08
C PHE A 285 -18.86 8.98 22.21
N MET A 286 -19.64 10.03 21.92
CA MET A 286 -19.85 11.08 22.91
C MET A 286 -20.78 10.62 24.03
N THR A 287 -21.72 9.71 23.75
CA THR A 287 -22.78 9.40 24.69
C THR A 287 -22.62 8.05 25.39
N ILE A 288 -22.01 7.07 24.74
CA ILE A 288 -21.77 5.77 25.36
C ILE A 288 -20.42 5.79 26.06
N THR A 289 -19.37 6.06 25.30
CA THR A 289 -18.02 6.09 25.86
C THR A 289 -17.75 7.40 26.59
N GLU A 290 -18.43 8.47 26.19
CA GLU A 290 -18.16 9.81 26.70
C GLU A 290 -16.70 10.19 26.46
N GLY A 291 -16.21 9.90 25.26
CA GLY A 291 -14.84 10.17 24.92
C GLY A 291 -14.55 11.65 24.70
N ASN A 292 -13.27 11.95 24.52
CA ASN A 292 -12.77 13.31 24.51
C ASN A 292 -12.28 13.79 23.15
N ALA A 293 -11.80 12.89 22.29
CA ALA A 293 -11.38 13.28 20.94
C ALA A 293 -11.67 12.13 19.99
N TRP A 294 -12.00 12.49 18.75
CA TRP A 294 -12.42 11.55 17.71
C TRP A 294 -11.71 11.92 16.42
N PHE A 295 -11.16 10.91 15.73
CA PHE A 295 -10.35 11.12 14.54
C PHE A 295 -10.89 10.31 13.37
N TYR A 296 -10.92 10.91 12.19
CA TYR A 296 -10.97 10.08 11.00
C TYR A 296 -9.54 9.67 10.64
N TRP A 297 -9.41 8.80 9.65
CA TRP A 297 -8.09 8.35 9.25
C TRP A 297 -7.37 9.47 8.51
N TRP A 298 -7.29 9.39 7.19
CA TRP A 298 -6.66 10.44 6.39
C TRP A 298 -7.63 11.60 6.18
N GLY A 299 -7.09 12.82 6.16
CA GLY A 299 -7.86 13.97 5.75
C GLY A 299 -8.05 13.96 4.24
N ALA A 300 -6.93 13.99 3.52
CA ALA A 300 -6.90 13.80 2.08
C ALA A 300 -5.91 12.70 1.75
N CYS A 301 -6.27 11.84 0.80
CA CYS A 301 -5.37 10.77 0.40
C CYS A 301 -5.60 10.45 -1.07
N PHE A 302 -4.67 9.68 -1.63
CA PHE A 302 -4.63 9.36 -3.05
C PHE A 302 -5.47 8.14 -3.41
N LYS A 303 -6.21 7.57 -2.47
CA LYS A 303 -7.04 6.39 -2.70
C LYS A 303 -8.44 6.83 -3.12
N THR A 304 -8.74 6.71 -4.41
CA THR A 304 -10.05 7.06 -4.94
C THR A 304 -11.01 5.88 -4.94
N TYR A 305 -10.62 4.76 -4.35
CA TYR A 305 -11.37 3.51 -4.45
C TYR A 305 -11.92 3.02 -3.12
N ASN A 306 -11.67 3.73 -2.02
CA ASN A 306 -12.27 3.36 -0.75
C ASN A 306 -12.45 4.63 0.08
N GLY A 307 -12.86 4.45 1.33
CA GLY A 307 -13.13 5.57 2.20
C GLY A 307 -12.12 5.79 3.30
N GLU A 308 -10.84 5.61 2.98
CA GLU A 308 -9.81 5.83 3.99
C GLU A 308 -9.50 7.30 4.23
N GLY A 309 -9.93 8.19 3.33
CA GLY A 309 -9.78 9.61 3.55
C GLY A 309 -11.10 10.33 3.35
N LEU A 310 -11.17 11.55 3.91
CA LEU A 310 -12.32 12.42 3.68
C LEU A 310 -12.29 13.08 2.31
N ILE A 311 -11.11 13.24 1.73
CA ILE A 311 -10.91 13.85 0.41
C ILE A 311 -10.09 12.88 -0.43
N GLN A 312 -10.61 12.50 -1.60
CA GLN A 312 -9.93 11.58 -2.51
C GLN A 312 -9.20 12.36 -3.58
N MET A 313 -7.89 12.17 -3.67
CA MET A 313 -7.05 12.89 -4.63
C MET A 313 -6.64 11.96 -5.77
N ASP A 314 -6.85 12.41 -7.00
CA ASP A 314 -6.40 11.71 -8.19
C ASP A 314 -5.07 12.33 -8.60
N LEU A 315 -3.96 11.62 -8.33
CA LEU A 315 -2.65 12.15 -8.63
C LEU A 315 -2.39 12.25 -10.13
N ASN A 316 -3.08 11.47 -10.96
CA ASN A 316 -2.83 11.49 -12.39
C ASN A 316 -3.43 12.73 -13.04
N SER A 317 -4.68 13.05 -12.70
CA SER A 317 -5.32 14.25 -13.21
C SER A 317 -5.11 15.47 -12.33
N LYS A 318 -4.48 15.30 -11.17
CA LYS A 318 -4.26 16.37 -10.20
C LYS A 318 -5.58 17.06 -9.84
N THR A 319 -6.56 16.25 -9.44
CA THR A 319 -7.86 16.71 -9.00
C THR A 319 -8.20 16.07 -7.67
N TYR A 320 -9.27 16.54 -7.04
CA TYR A 320 -9.72 15.95 -5.79
C TYR A 320 -11.23 16.00 -5.71
N LYS A 321 -11.79 15.07 -4.93
CA LYS A 321 -13.22 14.97 -4.72
C LYS A 321 -13.47 14.88 -3.22
N VAL A 322 -14.41 15.68 -2.74
CA VAL A 322 -14.72 15.75 -1.32
C VAL A 322 -15.96 14.89 -1.04
N ALA A 323 -15.82 13.94 -0.12
CA ALA A 323 -16.96 13.12 0.25
C ALA A 323 -17.85 13.85 1.25
N LYS A 324 -19.12 13.43 1.31
CA LYS A 324 -20.05 14.03 2.27
C LYS A 324 -19.60 13.86 3.71
N ARG A 325 -18.81 12.82 4.03
CA ARG A 325 -18.36 12.59 5.40
C ARG A 325 -17.51 13.73 5.94
N LEU A 326 -16.82 14.48 5.08
CA LEU A 326 -16.09 15.65 5.58
C LEU A 326 -17.04 16.64 6.23
N TYR A 327 -18.19 16.87 5.60
CA TYR A 327 -19.13 17.85 6.11
C TYR A 327 -19.95 17.32 7.27
N THR A 328 -20.31 16.04 7.26
CA THR A 328 -21.07 15.50 8.38
C THR A 328 -20.22 15.44 9.64
N ILE A 329 -18.91 15.17 9.50
CA ILE A 329 -18.03 15.24 10.65
C ILE A 329 -17.78 16.69 11.03
N GLY A 330 -17.74 17.59 10.04
CA GLY A 330 -17.65 19.01 10.29
C GLY A 330 -18.79 19.59 11.10
N GLN A 331 -19.98 18.97 11.05
CA GLN A 331 -21.10 19.45 11.86
C GLN A 331 -20.77 19.40 13.34
N PHE A 332 -19.84 18.53 13.74
CA PHE A 332 -19.28 18.52 15.08
C PHE A 332 -18.01 19.35 15.16
N SER A 333 -17.03 19.03 14.30
CA SER A 333 -15.67 19.50 14.51
C SER A 333 -15.51 20.99 14.28
N ARG A 334 -16.31 21.57 13.36
CA ARG A 334 -16.13 22.99 13.08
C ARG A 334 -16.52 23.85 14.26
N PHE A 335 -17.51 23.43 15.03
CA PHE A 335 -18.07 24.25 16.09
C PHE A 335 -17.62 23.85 17.48
N ILE A 336 -17.32 22.58 17.71
CA ILE A 336 -16.92 22.08 19.02
C ILE A 336 -15.39 22.19 19.07
N ARG A 337 -14.89 23.27 19.71
CA ARG A 337 -13.47 23.56 19.75
C ARG A 337 -12.82 22.93 20.96
N PRO A 338 -11.49 22.84 20.99
CA PRO A 338 -10.83 22.27 22.17
C PRO A 338 -11.18 23.07 23.42
N GLY A 339 -11.60 22.36 24.45
CA GLY A 339 -12.03 22.97 25.69
C GLY A 339 -13.52 23.03 25.89
N TRP A 340 -14.31 22.80 24.84
CA TRP A 340 -15.75 22.76 25.00
C TRP A 340 -16.14 21.58 25.90
N GLN A 341 -17.43 21.54 26.24
CA GLN A 341 -17.92 20.62 27.25
C GLN A 341 -19.29 20.09 26.85
N ARG A 342 -19.44 18.77 26.81
CA ARG A 342 -20.73 18.20 26.47
C ARG A 342 -21.73 18.46 27.57
N ILE A 343 -22.97 18.77 27.19
CA ILE A 343 -24.04 18.98 28.14
C ILE A 343 -25.23 18.10 27.78
N GLU A 344 -26.19 18.02 28.70
CA GLU A 344 -27.29 17.08 28.56
C GLU A 344 -28.24 17.52 27.45
N ALA A 345 -28.60 16.58 26.59
CA ALA A 345 -29.62 16.75 25.58
C ALA A 345 -30.30 15.41 25.37
N THR A 346 -31.61 15.43 25.13
CA THR A 346 -32.36 14.22 24.86
C THR A 346 -31.72 13.45 23.71
N LYS A 347 -31.08 12.32 24.02
CA LYS A 347 -30.19 11.70 23.05
C LYS A 347 -30.95 11.05 21.91
N ASN A 348 -32.20 10.65 22.13
CA ASN A 348 -32.97 9.88 21.15
C ASN A 348 -34.42 10.30 21.24
N PRO A 349 -34.75 11.48 20.72
CA PRO A 349 -36.12 12.01 20.87
C PRO A 349 -37.15 11.22 20.09
N VAL A 350 -36.75 10.57 19.01
CA VAL A 350 -37.66 9.81 18.16
C VAL A 350 -36.81 8.89 17.31
N SER A 351 -37.44 7.88 16.70
CA SER A 351 -36.73 6.89 15.90
C SER A 351 -35.80 7.55 14.88
N ASN A 352 -34.53 7.12 14.90
CA ASN A 352 -33.52 7.50 13.93
C ASN A 352 -33.08 8.95 14.06
N VAL A 353 -33.39 9.60 15.18
CA VAL A 353 -32.92 10.95 15.46
C VAL A 353 -32.05 10.91 16.73
N TYR A 354 -30.83 11.43 16.62
CA TYR A 354 -29.85 11.40 17.69
C TYR A 354 -29.30 12.79 17.90
N VAL A 355 -29.25 13.23 19.16
CA VAL A 355 -28.97 14.61 19.52
C VAL A 355 -27.90 14.65 20.60
N THR A 356 -26.91 15.53 20.43
CA THR A 356 -25.97 15.88 21.49
C THR A 356 -25.85 17.39 21.56
N ALA A 357 -25.30 17.88 22.67
CA ALA A 357 -25.16 19.32 22.87
C ALA A 357 -23.87 19.62 23.62
N TYR A 358 -23.29 20.79 23.31
CA TYR A 358 -21.99 21.19 23.82
C TYR A 358 -22.00 22.69 24.08
N LYS A 359 -21.21 23.13 25.05
CA LYS A 359 -21.07 24.54 25.35
C LYS A 359 -19.60 24.88 25.61
N ASP A 360 -19.26 26.15 25.38
CA ASP A 360 -17.95 26.67 25.75
C ASP A 360 -18.06 27.33 27.10
N PRO A 361 -17.44 26.78 28.15
CA PRO A 361 -17.61 27.37 29.49
C PRO A 361 -17.02 28.76 29.62
N LYS A 362 -16.20 29.20 28.68
CA LYS A 362 -15.49 30.46 28.80
C LYS A 362 -16.04 31.57 27.90
N THR A 363 -16.93 31.25 26.97
CA THR A 363 -17.55 32.28 26.13
C THR A 363 -19.07 32.24 26.12
N GLY A 364 -19.70 31.19 26.64
CA GLY A 364 -21.13 31.06 26.55
C GLY A 364 -21.67 30.60 25.21
N LYS A 365 -20.79 30.33 24.25
CA LYS A 365 -21.21 29.74 22.99
C LYS A 365 -21.67 28.31 23.20
N PHE A 366 -22.49 27.81 22.27
CA PHE A 366 -23.01 26.45 22.37
C PHE A 366 -23.35 25.92 20.98
N ALA A 367 -23.53 24.61 20.90
CA ALA A 367 -23.85 23.92 19.65
C ALA A 367 -24.72 22.70 19.96
N ILE A 368 -25.75 22.51 19.15
CA ILE A 368 -26.64 21.35 19.27
C ILE A 368 -26.61 20.60 17.95
N VAL A 369 -26.14 19.35 17.97
CA VAL A 369 -25.97 18.55 16.77
C VAL A 369 -27.06 17.48 16.74
N ALA A 370 -27.89 17.51 15.69
CA ALA A 370 -29.03 16.60 15.57
C ALA A 370 -28.92 15.80 14.28
N ILE A 371 -28.90 14.49 14.39
CA ILE A 371 -28.80 13.58 13.25
C ILE A 371 -30.17 12.98 12.99
N ASN A 372 -30.55 12.89 11.72
CA ASN A 372 -31.72 12.14 11.30
C ASN A 372 -31.25 11.18 10.20
N ASN A 373 -30.95 9.94 10.57
CA ASN A 373 -30.52 8.95 9.59
C ASN A 373 -31.65 8.02 9.15
N GLY A 374 -32.90 8.44 9.33
CA GLY A 374 -34.05 7.69 8.88
C GLY A 374 -34.63 8.27 7.59
N TRP A 375 -35.76 7.68 7.17
CA TRP A 375 -36.40 8.03 5.91
C TRP A 375 -37.46 9.12 6.06
N SER A 376 -37.80 9.50 7.28
CA SER A 376 -38.92 10.39 7.55
C SER A 376 -38.45 11.76 8.03
N LYS A 377 -39.11 12.80 7.53
CA LYS A 377 -39.02 14.12 8.16
C LYS A 377 -39.43 14.03 9.62
N GLN A 378 -38.73 14.77 10.48
CA GLN A 378 -39.04 14.76 11.90
C GLN A 378 -39.05 16.19 12.41
N SER A 379 -40.22 16.62 12.89
CA SER A 379 -40.34 17.93 13.53
C SER A 379 -39.89 17.81 14.98
N ILE A 380 -38.95 18.65 15.39
CA ILE A 380 -38.39 18.63 16.74
C ILE A 380 -38.55 20.00 17.35
N THR A 381 -39.00 20.05 18.61
CA THR A 381 -39.07 21.27 19.40
C THR A 381 -37.99 21.20 20.49
N TYR A 382 -37.08 22.16 20.48
CA TYR A 382 -35.95 22.17 21.39
C TYR A 382 -36.23 23.13 22.53
N THR A 383 -36.23 22.61 23.76
CA THR A 383 -36.40 23.40 24.96
C THR A 383 -35.03 23.60 25.62
N LEU A 384 -34.64 24.85 25.81
CA LEU A 384 -33.34 25.20 26.35
C LEU A 384 -33.51 25.48 27.84
N LYS A 385 -32.89 24.65 28.67
CA LYS A 385 -33.04 24.71 30.12
C LYS A 385 -31.80 25.40 30.69
N GLY A 386 -32.01 26.49 31.41
CA GLY A 386 -30.90 27.17 32.05
C GLY A 386 -30.17 28.18 31.20
N PHE A 387 -30.67 28.49 30.01
CA PHE A 387 -30.11 29.56 29.20
C PHE A 387 -31.17 30.00 28.20
N SER A 388 -31.01 31.23 27.70
CA SER A 388 -32.02 31.86 26.86
C SER A 388 -31.36 32.73 25.81
N PRO A 389 -30.85 32.12 24.74
CA PRO A 389 -30.35 32.91 23.62
C PRO A 389 -31.49 33.51 22.82
N ALA A 390 -31.14 34.49 22.00
CA ALA A 390 -32.15 35.17 21.20
C ALA A 390 -32.44 34.42 19.91
N SER A 391 -31.45 33.71 19.38
CA SER A 391 -31.60 33.00 18.12
C SER A 391 -30.53 31.92 18.03
N VAL A 392 -30.73 31.02 17.08
CA VAL A 392 -29.75 29.99 16.74
C VAL A 392 -29.55 30.02 15.24
N THR A 393 -28.35 29.62 14.81
CA THR A 393 -28.03 29.53 13.39
C THR A 393 -27.90 28.08 12.98
N PRO A 394 -28.69 27.60 12.02
CA PRO A 394 -28.61 26.20 11.60
C PRO A 394 -27.60 26.00 10.48
N TYR A 395 -26.87 24.90 10.57
CA TYR A 395 -26.01 24.41 9.51
C TYR A 395 -26.41 22.98 9.19
N THR A 396 -26.67 22.69 7.92
CA THR A 396 -27.21 21.40 7.52
C THR A 396 -26.36 20.74 6.46
N THR A 397 -26.16 19.43 6.59
CA THR A 397 -25.56 18.60 5.54
C THR A 397 -26.55 17.52 5.14
N SER A 398 -26.73 17.33 3.84
CA SER A 398 -27.66 16.34 3.32
C SER A 398 -27.15 15.88 1.96
N SER A 399 -28.03 15.23 1.20
CA SER A 399 -27.65 14.83 -0.15
C SER A 399 -27.40 16.03 -1.06
N THR A 400 -27.93 17.20 -0.70
CA THR A 400 -27.79 18.40 -1.53
C THR A 400 -27.15 19.57 -0.79
N GLN A 401 -26.68 19.38 0.45
CA GLN A 401 -26.15 20.48 1.25
C GLN A 401 -24.86 20.05 1.94
N ASN A 402 -23.89 20.96 1.97
CA ASN A 402 -22.58 20.71 2.57
C ASN A 402 -22.31 21.79 3.62
N LEU A 403 -22.65 21.50 4.88
N LEU A 403 -22.61 21.51 4.88
CA LEU A 403 -22.43 22.45 5.98
CA LEU A 403 -22.44 22.46 5.98
C LEU A 403 -23.08 23.79 5.67
C LEU A 403 -23.08 23.80 5.64
N GLU A 404 -24.26 23.74 5.04
CA GLU A 404 -24.92 24.92 4.51
C GLU A 404 -25.55 25.73 5.64
N LYS A 405 -25.17 27.00 5.74
CA LYS A 405 -25.73 27.89 6.75
C LYS A 405 -27.13 28.32 6.34
N GLY A 406 -28.09 28.18 7.27
CA GLY A 406 -29.46 28.56 7.02
C GLY A 406 -29.84 29.86 7.71
N SER A 407 -31.07 30.28 7.46
CA SER A 407 -31.58 31.48 8.09
C SER A 407 -31.66 31.30 9.60
N ASP A 408 -31.33 32.36 10.33
CA ASP A 408 -31.38 32.29 11.79
C ASP A 408 -32.80 32.00 12.25
N ILE A 409 -32.89 31.26 13.35
CA ILE A 409 -34.17 30.81 13.90
C ILE A 409 -34.37 31.51 15.23
N THR A 410 -35.47 32.22 15.37
CA THR A 410 -35.76 32.95 16.59
C THR A 410 -36.05 31.98 17.73
N VAL A 411 -35.43 32.21 18.87
CA VAL A 411 -35.67 31.44 20.08
C VAL A 411 -36.70 32.19 20.92
N ASN A 412 -37.88 31.60 21.10
CA ASN A 412 -38.97 32.24 21.82
C ASN A 412 -39.14 31.57 23.17
N ASN A 413 -38.74 32.28 24.24
CA ASN A 413 -38.84 31.78 25.60
C ASN A 413 -38.13 30.43 25.72
N SER A 414 -36.87 30.41 25.28
CA SER A 414 -36.01 29.24 25.41
C SER A 414 -36.57 28.04 24.64
N SER A 415 -37.21 28.30 23.50
CA SER A 415 -37.76 27.23 22.70
C SER A 415 -37.70 27.58 21.22
N PHE A 416 -37.27 26.63 20.40
CA PHE A 416 -37.35 26.77 18.95
C PHE A 416 -37.63 25.41 18.33
N SER A 417 -38.16 25.44 17.12
CA SER A 417 -38.51 24.22 16.38
C SER A 417 -37.81 24.20 15.02
N PHE A 418 -37.55 23.00 14.52
CA PHE A 418 -36.91 22.84 13.23
C PHE A 418 -37.28 21.45 12.70
N GLU A 419 -37.57 21.37 11.40
CA GLU A 419 -37.90 20.11 10.76
C GLU A 419 -36.62 19.48 10.23
N LEU A 420 -36.22 18.35 10.81
CA LEU A 420 -35.05 17.61 10.34
C LEU A 420 -35.41 16.87 9.06
N ALA A 421 -34.74 17.21 7.97
CA ALA A 421 -34.94 16.49 6.72
C ALA A 421 -34.45 15.05 6.86
N PRO A 422 -35.02 14.13 6.07
CA PRO A 422 -34.52 12.75 6.10
C PRO A 422 -33.07 12.69 5.65
N ASN A 423 -32.33 11.75 6.25
CA ASN A 423 -30.94 11.52 5.89
C ASN A 423 -30.14 12.82 5.89
N SER A 424 -30.14 13.47 7.04
CA SER A 424 -29.53 14.78 7.15
C SER A 424 -29.03 14.98 8.57
N ILE A 425 -28.15 15.98 8.74
CA ILE A 425 -27.64 16.36 10.05
C ILE A 425 -27.62 17.88 10.12
N THR A 426 -28.12 18.43 11.22
CA THR A 426 -28.19 19.87 11.42
C THR A 426 -27.56 20.23 12.75
N THR A 427 -26.70 21.24 12.74
CA THR A 427 -26.14 21.82 13.95
C THR A 427 -26.73 23.21 14.15
N PHE A 428 -27.22 23.47 15.36
CA PHE A 428 -27.71 24.78 15.76
C PHE A 428 -26.65 25.43 16.64
N VAL A 429 -26.17 26.60 16.20
CA VAL A 429 -25.09 27.30 16.88
C VAL A 429 -25.63 28.62 17.42
N GLY A 430 -25.19 28.98 18.63
CA GLY A 430 -25.65 30.21 19.25
C GLY A 430 -24.68 30.69 20.33
N ASP A 431 -24.96 31.88 20.84
CA ASP A 431 -24.18 32.49 21.90
C ASP A 431 -25.14 33.01 22.97
N THR A 432 -24.71 32.92 24.23
CA THR A 432 -25.49 33.46 25.34
C THR A 432 -24.98 34.80 25.85
N GLU A 433 -23.71 35.11 25.65
CA GLU A 433 -23.12 36.38 26.06
C GLU A 433 -23.03 37.31 24.88
N SER A 434 -23.36 38.59 25.10
CA SER A 434 -23.31 39.58 24.04
C SER A 434 -22.52 40.81 24.49
N SER B 3 41.02 -15.10 -18.67
CA SER B 3 41.47 -13.97 -19.47
C SER B 3 40.97 -12.67 -18.87
N THR B 4 40.58 -11.72 -19.72
CA THR B 4 40.23 -10.37 -19.27
C THR B 4 38.83 -10.02 -19.75
N VAL B 5 38.03 -9.47 -18.84
CA VAL B 5 36.71 -8.91 -19.16
C VAL B 5 36.81 -7.40 -19.06
N THR B 6 36.35 -6.71 -20.11
CA THR B 6 36.30 -5.26 -20.13
C THR B 6 34.85 -4.82 -20.03
N VAL B 7 34.55 -4.02 -19.01
CA VAL B 7 33.20 -3.49 -18.78
C VAL B 7 33.23 -2.01 -19.13
N ASP B 8 32.40 -1.61 -20.10
CA ASP B 8 32.41 -0.25 -20.63
C ASP B 8 31.18 0.49 -20.14
N TRP B 9 31.39 1.44 -19.21
CA TRP B 9 30.30 2.23 -18.67
C TRP B 9 29.53 2.97 -19.76
N ASP B 10 30.20 3.32 -20.86
CA ASP B 10 29.66 4.25 -21.84
C ASP B 10 29.18 3.57 -23.12
N THR B 11 29.13 2.25 -23.16
CA THR B 11 28.50 1.52 -24.25
C THR B 11 27.27 0.85 -23.68
N THR B 12 26.12 1.50 -23.83
CA THR B 12 24.89 1.07 -23.19
C THR B 12 23.96 0.41 -24.21
N TYR B 13 23.15 -0.52 -23.72
CA TYR B 13 22.19 -1.23 -24.56
C TYR B 13 20.77 -1.04 -24.04
N GLN B 14 20.05 -2.14 -23.82
CA GLN B 14 18.64 -2.01 -23.53
C GLN B 14 18.39 -1.71 -22.05
N THR B 15 17.22 -1.14 -21.78
CA THR B 15 16.74 -0.93 -20.43
C THR B 15 16.10 -2.20 -19.90
N ILE B 16 16.30 -2.46 -18.62
CA ILE B 16 15.75 -3.65 -17.96
C ILE B 16 14.45 -3.26 -17.27
N ASP B 17 13.36 -3.94 -17.63
CA ASP B 17 12.09 -3.69 -16.97
C ASP B 17 11.96 -4.47 -15.67
N GLY B 18 12.58 -5.65 -15.59
CA GLY B 18 12.63 -6.38 -14.35
C GLY B 18 12.56 -7.88 -14.59
N PHE B 19 12.24 -8.59 -13.51
CA PHE B 19 12.16 -10.05 -13.50
C PHE B 19 10.91 -10.45 -12.73
N GLY B 20 10.19 -11.44 -13.22
CA GLY B 20 8.90 -11.78 -12.64
C GLY B 20 8.70 -13.26 -12.44
N VAL B 21 7.69 -13.57 -11.63
CA VAL B 21 7.17 -14.91 -11.42
C VAL B 21 5.66 -14.82 -11.38
N SER B 22 5.01 -15.97 -11.28
CA SER B 22 3.55 -16.04 -11.27
C SER B 22 3.09 -16.89 -10.10
N GLU B 23 1.83 -16.69 -9.70
CA GLU B 23 1.15 -17.57 -8.75
C GLU B 23 -0.24 -17.93 -9.24
N ALA B 24 -0.41 -18.00 -10.56
CA ALA B 24 -1.68 -18.36 -11.16
C ALA B 24 -2.08 -19.79 -10.80
N PHE B 25 -3.38 -20.07 -10.96
CA PHE B 25 -3.97 -21.40 -10.78
C PHE B 25 -3.88 -21.88 -9.32
N HIS B 26 -4.32 -21.00 -8.41
CA HIS B 26 -4.49 -21.25 -6.98
C HIS B 26 -3.17 -21.40 -6.23
N GLN B 27 -2.04 -21.17 -6.88
CA GLN B 27 -0.77 -21.33 -6.17
C GLN B 27 -0.56 -20.23 -5.14
N SER B 28 -1.16 -19.06 -5.35
CA SER B 28 -1.16 -18.04 -4.32
C SER B 28 -1.85 -18.54 -3.06
N ASN B 29 -3.00 -19.20 -3.21
CA ASN B 29 -3.72 -19.73 -2.06
C ASN B 29 -3.00 -20.91 -1.45
N ASN B 30 -2.21 -21.65 -2.24
CA ASN B 30 -1.45 -22.76 -1.68
C ASN B 30 -0.35 -22.26 -0.75
N ILE B 31 0.22 -21.09 -1.04
CA ILE B 31 1.19 -20.50 -0.13
C ILE B 31 0.54 -20.18 1.21
N ALA B 32 -0.69 -19.67 1.19
CA ALA B 32 -1.38 -19.33 2.43
C ALA B 32 -1.74 -20.58 3.23
N ARG B 33 -1.91 -21.72 2.56
CA ARG B 33 -2.25 -22.96 3.24
C ARG B 33 -1.08 -23.55 4.02
N LEU B 34 0.14 -23.06 3.80
CA LEU B 34 1.28 -23.46 4.62
C LEU B 34 1.31 -22.75 5.97
N GLY B 35 0.40 -21.82 6.22
CA GLY B 35 0.40 -21.08 7.46
C GLY B 35 1.07 -19.72 7.31
N GLU B 36 0.76 -18.83 8.26
CA GLU B 36 1.20 -17.44 8.17
C GLU B 36 2.72 -17.33 8.19
N THR B 37 3.38 -18.14 9.00
CA THR B 37 4.84 -18.06 9.13
C THR B 37 5.52 -18.41 7.81
N LYS B 38 5.26 -19.61 7.28
CA LYS B 38 5.93 -20.02 6.06
C LYS B 38 5.48 -19.20 4.86
N GLN B 39 4.26 -18.68 4.90
CA GLN B 39 3.80 -17.77 3.86
C GLN B 39 4.71 -16.55 3.76
N ASN B 40 4.96 -15.89 4.90
CA ASN B 40 5.82 -14.72 4.89
C ASN B 40 7.25 -15.07 4.54
N GLU B 41 7.71 -16.27 4.91
CA GLU B 41 9.03 -16.71 4.49
C GLU B 41 9.11 -16.82 2.97
N ILE B 42 8.09 -17.41 2.35
CA ILE B 42 8.09 -17.57 0.89
C ILE B 42 8.01 -16.22 0.20
N TYR B 43 7.16 -15.31 0.69
CA TYR B 43 7.14 -13.96 0.16
C TYR B 43 8.52 -13.33 0.22
N ASP B 44 9.20 -13.50 1.36
CA ASP B 44 10.52 -12.91 1.54
C ASP B 44 11.51 -13.50 0.55
N LEU B 45 11.52 -14.83 0.42
CA LEU B 45 12.45 -15.47 -0.52
C LEU B 45 12.23 -14.97 -1.95
N LEU B 46 10.98 -14.71 -2.33
CA LEU B 46 10.71 -14.29 -3.71
C LEU B 46 10.99 -12.81 -3.94
N PHE B 47 10.57 -11.94 -3.02
CA PHE B 47 10.49 -10.52 -3.33
C PHE B 47 11.38 -9.62 -2.49
N SER B 48 12.05 -10.13 -1.46
CA SER B 48 12.99 -9.31 -0.72
C SER B 48 14.24 -9.07 -1.56
N THR B 49 14.70 -7.81 -1.57
CA THR B 49 15.95 -7.46 -2.23
C THR B 49 17.14 -7.57 -1.31
N THR B 50 16.93 -7.98 -0.06
CA THR B 50 18.02 -8.22 0.88
C THR B 50 18.16 -9.66 1.30
N ASP B 51 17.06 -10.41 1.35
CA ASP B 51 17.08 -11.81 1.78
C ASP B 51 16.43 -12.74 0.77
N GLY B 52 16.13 -12.26 -0.44
CA GLY B 52 15.49 -13.08 -1.44
C GLY B 52 15.92 -12.76 -2.86
N ALA B 53 15.13 -13.20 -3.84
CA ALA B 53 15.42 -12.96 -5.25
C ALA B 53 14.95 -11.59 -5.73
N GLY B 54 14.16 -10.88 -4.94
CA GLY B 54 13.80 -9.52 -5.29
C GLY B 54 13.12 -9.40 -6.64
N PHE B 55 12.20 -10.30 -6.93
CA PHE B 55 11.45 -10.18 -8.18
C PHE B 55 10.64 -8.89 -8.17
N SER B 56 10.62 -8.23 -9.32
CA SER B 56 10.05 -6.89 -9.44
C SER B 56 8.82 -6.82 -10.32
N ILE B 57 8.45 -7.92 -10.96
CA ILE B 57 7.20 -8.00 -11.71
C ILE B 57 6.42 -9.21 -11.20
N PHE B 58 5.10 -9.09 -11.17
CA PHE B 58 4.23 -10.16 -10.71
C PHE B 58 3.21 -10.45 -11.80
N ARG B 59 3.14 -11.70 -12.22
CA ARG B 59 2.26 -12.14 -13.31
C ARG B 59 1.11 -12.96 -12.71
N SER B 60 -0.12 -12.56 -13.02
CA SER B 60 -1.31 -13.21 -12.49
C SER B 60 -2.24 -13.57 -13.64
N ILE B 61 -3.21 -14.42 -13.35
CA ILE B 61 -4.20 -14.84 -14.35
C ILE B 61 -5.47 -14.00 -14.18
N LEU B 62 -6.00 -13.51 -15.29
CA LEU B 62 -7.29 -12.85 -15.30
C LEU B 62 -8.38 -13.93 -15.34
N GLY B 63 -9.12 -14.07 -14.25
CA GLY B 63 -10.10 -15.14 -14.10
C GLY B 63 -11.02 -15.29 -15.28
N ASP B 64 -11.26 -16.54 -15.70
CA ASP B 64 -12.08 -16.85 -16.86
C ASP B 64 -13.37 -17.57 -16.54
N GLY B 65 -13.54 -18.06 -15.31
CA GLY B 65 -14.74 -18.78 -14.95
C GLY B 65 -14.76 -20.25 -15.34
N GLY B 66 -13.59 -20.86 -15.53
CA GLY B 66 -13.56 -22.25 -15.91
C GLY B 66 -14.03 -23.18 -14.80
N THR B 67 -14.40 -24.39 -15.19
CA THR B 67 -14.85 -25.41 -14.25
C THR B 67 -13.92 -26.62 -14.23
N TRP B 68 -12.78 -26.55 -14.91
CA TRP B 68 -11.81 -27.62 -14.92
C TRP B 68 -10.97 -27.59 -13.65
N GLY B 69 -10.01 -28.51 -13.55
CA GLY B 69 -9.08 -28.56 -12.45
C GLY B 69 -9.74 -28.85 -11.10
N ASN B 70 -9.05 -28.41 -10.05
CA ASN B 70 -9.55 -28.58 -8.69
C ASN B 70 -9.09 -27.39 -7.84
N ALA B 71 -9.29 -27.49 -6.53
CA ALA B 71 -8.97 -26.38 -5.63
C ALA B 71 -7.46 -26.18 -5.46
N ASP B 72 -6.65 -27.22 -5.69
CA ASP B 72 -5.20 -27.07 -5.59
C ASP B 72 -4.58 -26.54 -6.87
N ASP B 73 -5.29 -26.64 -8.00
CA ASP B 73 -4.73 -26.26 -9.30
C ASP B 73 -5.93 -26.12 -10.25
N GLY B 74 -6.48 -24.92 -10.31
CA GLY B 74 -7.67 -24.68 -11.10
C GLY B 74 -7.86 -23.22 -11.47
N PRO B 75 -8.95 -22.94 -12.16
CA PRO B 75 -9.24 -21.56 -12.57
C PRO B 75 -9.98 -20.76 -11.49
N ASN B 76 -9.94 -19.45 -11.66
CA ASN B 76 -10.69 -18.53 -10.81
C ASN B 76 -11.96 -18.09 -11.51
N LYS B 77 -12.96 -17.72 -10.70
CA LYS B 77 -14.17 -17.15 -11.26
C LYS B 77 -13.84 -15.86 -12.01
N THR B 78 -14.67 -15.53 -12.99
CA THR B 78 -14.48 -14.33 -13.79
C THR B 78 -15.36 -13.20 -13.28
N MET B 79 -14.89 -11.97 -13.49
CA MET B 79 -15.66 -10.81 -13.09
C MET B 79 -16.80 -10.51 -14.06
N GLN B 80 -16.86 -11.18 -15.21
CA GLN B 80 -18.00 -11.07 -16.13
C GLN B 80 -18.46 -12.47 -16.50
N PRO B 81 -19.26 -13.10 -15.64
CA PRO B 81 -19.72 -14.47 -15.95
C PRO B 81 -20.72 -14.53 -17.09
N ALA B 82 -21.35 -13.43 -17.47
CA ALA B 82 -22.27 -13.40 -18.61
C ALA B 82 -22.11 -12.06 -19.31
N GLU B 83 -22.54 -12.01 -20.57
CA GLU B 83 -22.32 -10.81 -21.37
C GLU B 83 -22.95 -9.58 -20.73
N ASP B 84 -24.05 -9.78 -20.00
CA ASP B 84 -24.74 -8.67 -19.36
C ASP B 84 -24.51 -8.61 -17.86
N VAL B 85 -23.73 -9.53 -17.28
CA VAL B 85 -23.57 -9.63 -15.83
C VAL B 85 -22.11 -9.40 -15.49
N TRP B 86 -21.83 -8.30 -14.80
CA TRP B 86 -20.54 -8.07 -14.17
C TRP B 86 -20.64 -8.41 -12.70
N ASP B 87 -19.58 -9.02 -12.16
CA ASP B 87 -19.55 -9.49 -10.77
C ASP B 87 -18.19 -9.10 -10.19
N TRP B 88 -18.06 -7.85 -9.78
CA TRP B 88 -16.80 -7.33 -9.24
C TRP B 88 -16.70 -7.72 -7.76
N ASN B 89 -16.42 -8.99 -7.55
CA ASN B 89 -16.25 -9.59 -6.24
C ASN B 89 -14.78 -9.97 -6.09
N GLU B 90 -14.07 -9.31 -5.17
CA GLU B 90 -12.64 -9.56 -5.05
C GLU B 90 -12.33 -11.00 -4.63
N SER B 91 -13.27 -11.68 -4.00
CA SER B 91 -13.09 -13.10 -3.64
C SER B 91 -12.88 -13.98 -4.86
N ASN B 92 -13.37 -13.57 -6.03
CA ASN B 92 -13.18 -14.36 -7.25
C ASN B 92 -11.71 -14.50 -7.60
N ASP B 93 -10.89 -13.53 -7.24
CA ASP B 93 -9.47 -13.49 -7.58
C ASP B 93 -8.68 -13.81 -6.33
N ASP B 94 -8.17 -15.04 -6.22
CA ASP B 94 -7.39 -15.45 -5.07
C ASP B 94 -5.95 -14.96 -5.12
N GLN B 95 -5.60 -14.08 -6.06
CA GLN B 95 -4.29 -13.48 -6.12
C GLN B 95 -4.28 -12.07 -5.52
N ILE B 96 -5.44 -11.47 -5.33
CA ILE B 96 -5.50 -10.10 -4.83
C ILE B 96 -4.89 -9.95 -3.44
N PRO B 97 -5.22 -10.78 -2.45
CA PRO B 97 -4.57 -10.62 -1.13
C PRO B 97 -3.05 -10.70 -1.20
N MET B 98 -2.50 -11.57 -2.06
CA MET B 98 -1.05 -11.65 -2.16
C MET B 98 -0.47 -10.41 -2.83
N ILE B 99 -1.14 -9.90 -3.87
CA ILE B 99 -0.64 -8.71 -4.56
C ILE B 99 -0.55 -7.54 -3.59
N ARG B 100 -1.61 -7.33 -2.80
CA ARG B 100 -1.60 -6.23 -1.83
C ARG B 100 -0.46 -6.38 -0.83
N ALA B 101 -0.18 -7.62 -0.41
CA ALA B 101 0.87 -7.85 0.56
C ALA B 101 2.26 -7.54 0.00
N ILE B 102 2.53 -7.97 -1.23
CA ILE B 102 3.89 -7.79 -1.75
C ILE B 102 4.08 -6.40 -2.33
N GLN B 103 3.01 -5.76 -2.82
CA GLN B 103 3.13 -4.36 -3.20
C GLN B 103 3.44 -3.49 -1.99
N SER B 104 2.77 -3.76 -0.87
CA SER B 104 3.00 -2.98 0.33
C SER B 104 4.35 -3.29 0.95
N LYS B 105 4.62 -4.57 1.20
CA LYS B 105 5.80 -4.93 1.98
C LYS B 105 7.09 -4.80 1.18
N TYR B 106 7.03 -5.00 -0.14
CA TYR B 106 8.23 -5.05 -0.96
C TYR B 106 8.26 -4.05 -2.11
N GLY B 107 7.17 -3.35 -2.37
CA GLY B 107 7.21 -2.32 -3.39
C GLY B 107 7.14 -2.83 -4.81
N VAL B 108 6.61 -4.03 -5.01
CA VAL B 108 6.44 -4.60 -6.34
C VAL B 108 5.35 -3.82 -7.06
N ASP B 109 5.75 -2.91 -7.95
CA ASP B 109 4.80 -1.96 -8.53
C ASP B 109 4.43 -2.28 -9.96
N GLN B 110 5.03 -3.29 -10.58
CA GLN B 110 4.64 -3.73 -11.91
C GLN B 110 3.76 -4.96 -11.75
N ILE B 111 2.52 -4.85 -12.22
CA ILE B 111 1.51 -5.89 -12.05
C ILE B 111 1.05 -6.30 -13.44
N LEU B 112 1.43 -7.51 -13.85
CA LEU B 112 1.02 -8.07 -15.13
C LEU B 112 -0.14 -9.03 -14.90
N TYR B 113 -1.20 -8.88 -15.69
CA TYR B 113 -2.29 -9.85 -15.72
C TYR B 113 -2.35 -10.42 -17.13
N THR B 114 -2.24 -11.74 -17.22
CA THR B 114 -2.30 -12.46 -18.48
C THR B 114 -3.63 -13.22 -18.57
N VAL B 115 -4.25 -13.18 -19.75
CA VAL B 115 -5.46 -13.93 -20.01
C VAL B 115 -5.09 -15.29 -20.59
N TRP B 116 -5.50 -16.36 -19.91
CA TRP B 116 -5.35 -17.68 -20.48
C TRP B 116 -6.50 -18.00 -21.43
N SER B 117 -7.70 -17.51 -21.14
CA SER B 117 -8.84 -17.69 -22.04
C SER B 117 -9.90 -16.64 -21.78
N PRO B 118 -10.57 -16.12 -22.80
CA PRO B 118 -11.80 -15.36 -22.58
C PRO B 118 -12.83 -16.22 -21.88
N PRO B 119 -13.86 -15.62 -21.30
CA PRO B 119 -14.93 -16.41 -20.67
C PRO B 119 -15.61 -17.32 -21.68
N ALA B 120 -16.23 -18.37 -21.15
CA ALA B 120 -16.83 -19.40 -22.00
C ALA B 120 -17.85 -18.82 -22.97
N TRP B 121 -18.64 -17.84 -22.52
CA TRP B 121 -19.67 -17.25 -23.38
C TRP B 121 -19.09 -16.48 -24.56
N MET B 122 -17.77 -16.26 -24.60
CA MET B 122 -17.12 -15.65 -25.75
C MET B 122 -16.50 -16.67 -26.70
N LYS B 123 -16.39 -17.93 -26.30
CA LYS B 123 -15.59 -18.91 -27.01
C LYS B 123 -16.41 -19.67 -28.05
N THR B 124 -15.73 -20.11 -29.11
CA THR B 124 -16.39 -20.82 -30.20
C THR B 124 -16.93 -22.17 -29.76
N ASN B 125 -16.33 -22.78 -28.74
CA ASN B 125 -16.76 -24.06 -28.23
C ASN B 125 -17.53 -23.96 -26.92
N GLY B 126 -17.86 -22.75 -26.48
CA GLY B 126 -18.58 -22.59 -25.22
C GLY B 126 -17.81 -23.10 -24.02
N SER B 127 -16.48 -23.02 -24.04
CA SER B 127 -15.68 -23.49 -22.92
C SER B 127 -14.39 -22.69 -22.85
N VAL B 128 -13.86 -22.52 -21.64
CA VAL B 128 -12.57 -21.87 -21.48
C VAL B 128 -11.42 -22.77 -21.89
N VAL B 129 -11.69 -24.05 -22.13
CA VAL B 129 -10.68 -25.04 -22.52
C VAL B 129 -10.75 -25.21 -24.03
N GLY B 130 -9.65 -24.89 -24.71
CA GLY B 130 -9.60 -25.00 -26.16
C GLY B 130 -10.52 -24.01 -26.86
N GLY B 131 -10.60 -24.16 -28.17
CA GLY B 131 -11.43 -23.28 -28.97
C GLY B 131 -10.74 -21.96 -29.27
N SER B 132 -11.53 -21.03 -29.82
CA SER B 132 -11.05 -19.72 -30.20
C SER B 132 -12.06 -18.67 -29.73
N LEU B 133 -11.71 -17.41 -29.92
CA LEU B 133 -12.62 -16.30 -29.62
C LEU B 133 -13.53 -16.07 -30.82
N ARG B 134 -14.84 -16.10 -30.58
CA ARG B 134 -15.81 -15.83 -31.64
C ARG B 134 -15.56 -14.45 -32.25
N THR B 135 -15.65 -14.38 -33.59
CA THR B 135 -15.39 -13.12 -34.27
C THR B 135 -16.41 -12.06 -33.91
N ASP B 136 -17.63 -12.45 -33.53
CA ASP B 136 -18.65 -11.52 -33.10
C ASP B 136 -18.55 -11.20 -31.61
N LYS B 137 -17.47 -11.58 -30.95
CA LYS B 137 -17.20 -11.22 -29.56
C LYS B 137 -15.88 -10.47 -29.41
N TYR B 138 -15.33 -9.96 -30.52
CA TYR B 138 -14.07 -9.22 -30.44
C TYR B 138 -14.24 -7.94 -29.64
N GLN B 139 -15.34 -7.22 -29.87
CA GLN B 139 -15.59 -6.02 -29.08
C GLN B 139 -15.87 -6.35 -27.62
N ALA B 140 -16.64 -7.42 -27.37
CA ALA B 140 -16.91 -7.82 -26.00
C ALA B 140 -15.64 -8.16 -25.24
N TYR B 141 -14.63 -8.72 -25.93
CA TYR B 141 -13.39 -9.04 -25.26
C TYR B 141 -12.52 -7.81 -25.07
N ALA B 142 -12.51 -6.88 -26.03
CA ALA B 142 -11.80 -5.61 -25.84
C ALA B 142 -12.39 -4.84 -24.67
N THR B 143 -13.73 -4.81 -24.58
CA THR B 143 -14.39 -4.19 -23.43
C THR B 143 -14.09 -4.95 -22.15
N TYR B 144 -14.03 -6.28 -22.24
CA TYR B 144 -13.68 -7.10 -21.08
C TYR B 144 -12.33 -6.70 -20.50
N LEU B 145 -11.34 -6.50 -21.38
CA LEU B 145 -9.99 -6.15 -20.92
C LEU B 145 -9.95 -4.73 -20.36
N ALA B 146 -10.60 -3.79 -21.05
CA ALA B 146 -10.58 -2.41 -20.61
C ALA B 146 -11.27 -2.24 -19.26
N GLU B 147 -12.44 -2.85 -19.09
CA GLU B 147 -13.16 -2.73 -17.83
C GLU B 147 -12.47 -3.44 -16.69
N HIS B 148 -11.65 -4.46 -16.98
CA HIS B 148 -10.87 -5.09 -15.91
C HIS B 148 -9.76 -4.19 -15.43
N ILE B 149 -9.03 -3.54 -16.34
CA ILE B 149 -7.99 -2.61 -15.93
C ILE B 149 -8.60 -1.45 -15.15
N LYS B 150 -9.74 -0.94 -15.62
CA LYS B 150 -10.39 0.18 -14.95
C LYS B 150 -10.92 -0.20 -13.57
N ASN B 151 -11.65 -1.31 -13.48
CA ASN B 151 -12.33 -1.65 -12.24
C ASN B 151 -11.44 -2.35 -11.23
N TYR B 152 -10.33 -2.94 -11.65
CA TYR B 152 -9.37 -3.43 -10.66
C TYR B 152 -8.81 -2.27 -9.85
N LYS B 153 -8.66 -1.12 -10.47
CA LYS B 153 -8.25 0.08 -9.75
C LYS B 153 -9.42 0.68 -8.96
N SER B 154 -10.56 0.91 -9.62
CA SER B 154 -11.64 1.63 -8.98
C SER B 154 -12.40 0.81 -7.95
N LYS B 155 -12.39 -0.52 -8.08
CA LYS B 155 -13.10 -1.38 -7.13
C LYS B 155 -12.17 -2.07 -6.15
N PHE B 156 -11.00 -2.50 -6.60
CA PHE B 156 -10.08 -3.26 -5.76
C PHE B 156 -8.82 -2.50 -5.38
N GLY B 157 -8.56 -1.37 -6.02
CA GLY B 157 -7.38 -0.58 -5.70
C GLY B 157 -6.10 -1.12 -6.28
N ILE B 158 -6.17 -2.06 -7.22
CA ILE B 158 -4.99 -2.66 -7.81
C ILE B 158 -4.79 -2.06 -9.19
N GLU B 159 -3.60 -1.49 -9.41
CA GLU B 159 -3.27 -0.87 -10.69
C GLU B 159 -2.59 -1.92 -11.56
N ILE B 160 -3.31 -2.40 -12.56
CA ILE B 160 -2.76 -3.34 -13.53
C ILE B 160 -1.91 -2.53 -14.51
N THR B 161 -0.59 -2.68 -14.41
CA THR B 161 0.30 -1.87 -15.25
C THR B 161 0.51 -2.49 -16.62
N HIS B 162 0.42 -3.82 -16.73
CA HIS B 162 0.63 -4.52 -17.98
C HIS B 162 -0.49 -5.54 -18.15
N ILE B 163 -1.00 -5.67 -19.38
CA ILE B 163 -2.06 -6.61 -19.67
C ILE B 163 -1.59 -7.54 -20.79
N GLY B 164 -1.65 -8.84 -20.53
CA GLY B 164 -1.33 -9.83 -21.54
C GLY B 164 -2.56 -10.39 -22.20
N ILE B 165 -2.75 -10.11 -23.49
CA ILE B 165 -4.04 -10.35 -24.13
C ILE B 165 -4.31 -11.83 -24.41
N GLN B 166 -3.28 -12.68 -24.45
CA GLN B 166 -3.50 -14.10 -24.67
C GLN B 166 -2.22 -14.87 -24.36
N ASN B 167 -2.32 -15.83 -23.45
CA ASN B 167 -1.23 -16.76 -23.19
C ASN B 167 -1.24 -17.87 -24.24
N GLU B 168 -0.13 -18.01 -24.97
CA GLU B 168 0.09 -19.07 -25.95
C GLU B 168 -1.08 -19.22 -26.91
N PRO B 169 -1.27 -18.27 -27.83
CA PRO B 169 -2.35 -18.40 -28.81
C PRO B 169 -2.14 -19.51 -29.81
N ASN B 170 -1.02 -20.22 -29.74
CA ASN B 170 -0.76 -21.35 -30.61
C ASN B 170 -1.30 -22.67 -30.06
N LEU B 171 -1.78 -22.68 -28.82
CA LEU B 171 -1.95 -23.92 -28.08
C LEU B 171 -3.37 -24.03 -27.51
N GLU B 172 -4.03 -25.14 -27.78
CA GLU B 172 -5.21 -25.56 -27.03
C GLU B 172 -4.80 -26.70 -26.10
N THR B 173 -5.10 -26.55 -24.82
CA THR B 173 -4.63 -27.47 -23.80
C THR B 173 -5.84 -28.09 -23.10
N SER B 174 -5.55 -28.82 -22.03
CA SER B 174 -6.59 -29.41 -21.18
C SER B 174 -7.05 -28.45 -20.08
N TYR B 175 -6.58 -27.21 -20.11
CA TYR B 175 -6.99 -26.20 -19.14
C TYR B 175 -7.33 -24.94 -19.94
N SER B 176 -7.36 -23.80 -19.25
CA SER B 176 -7.72 -22.54 -19.89
C SER B 176 -6.79 -22.25 -21.07
N SER B 177 -7.37 -22.06 -22.25
CA SER B 177 -6.57 -21.83 -23.45
C SER B 177 -7.48 -21.28 -24.54
N CYS B 178 -6.87 -20.60 -25.50
CA CYS B 178 -7.63 -19.99 -26.59
C CYS B 178 -6.69 -19.78 -27.77
N ARG B 179 -7.09 -20.29 -28.93
CA ARG B 179 -6.23 -20.28 -30.10
C ARG B 179 -6.53 -19.07 -30.97
N TRP B 180 -5.46 -18.44 -31.47
CA TRP B 180 -5.55 -17.31 -32.38
C TRP B 180 -4.56 -17.49 -33.52
N SER B 181 -4.88 -16.91 -34.65
CA SER B 181 -3.92 -16.72 -35.71
C SER B 181 -3.28 -15.35 -35.59
N PRO B 182 -2.10 -15.15 -36.19
CA PRO B 182 -1.50 -13.81 -36.15
C PRO B 182 -2.36 -12.73 -36.79
N GLU B 183 -3.12 -13.07 -37.83
CA GLU B 183 -3.98 -12.09 -38.48
C GLU B 183 -5.24 -11.82 -37.67
N GLU B 184 -5.76 -12.82 -36.96
CA GLU B 184 -6.88 -12.56 -36.05
C GLU B 184 -6.45 -11.62 -34.93
N LEU B 185 -5.20 -11.70 -34.50
CA LEU B 185 -4.69 -10.79 -33.48
C LEU B 185 -4.56 -9.37 -34.05
N ARG B 186 -4.10 -9.25 -35.30
CA ARG B 186 -4.01 -7.92 -35.91
C ARG B 186 -5.38 -7.27 -36.02
N ILE B 187 -6.39 -8.03 -36.45
CA ILE B 187 -7.75 -7.49 -36.56
C ILE B 187 -8.26 -7.08 -35.19
N PHE B 188 -7.98 -7.89 -34.17
CA PHE B 188 -8.43 -7.54 -32.82
C PHE B 188 -7.75 -6.27 -32.32
N MET B 189 -6.43 -6.16 -32.52
CA MET B 189 -5.71 -4.96 -32.09
C MET B 189 -6.19 -3.72 -32.84
N ARG B 190 -6.23 -3.81 -34.17
CA ARG B 190 -6.51 -2.63 -34.99
C ARG B 190 -7.94 -2.16 -34.82
N ASP B 191 -8.90 -3.07 -34.89
CA ASP B 191 -10.30 -2.68 -34.97
C ASP B 191 -11.01 -2.63 -33.64
N TYR B 192 -10.45 -3.23 -32.59
CA TYR B 192 -11.18 -3.29 -31.32
C TYR B 192 -10.36 -2.81 -30.14
N LEU B 193 -9.19 -3.40 -29.91
CA LEU B 193 -8.42 -3.07 -28.71
C LEU B 193 -7.92 -1.63 -28.74
N VAL B 194 -7.28 -1.24 -29.85
CA VAL B 194 -6.71 0.11 -29.91
C VAL B 194 -7.78 1.19 -29.81
N PRO B 195 -8.86 1.17 -30.57
CA PRO B 195 -9.90 2.19 -30.37
C PRO B 195 -10.56 2.14 -29.00
N THR B 196 -10.73 0.95 -28.42
CA THR B 196 -11.35 0.85 -27.10
C THR B 196 -10.43 1.35 -26.01
N PHE B 197 -9.15 0.96 -26.06
CA PHE B 197 -8.20 1.45 -25.05
C PHE B 197 -8.02 2.95 -25.16
N ASP B 198 -8.01 3.48 -26.38
CA ASP B 198 -7.98 4.94 -26.56
C ASP B 198 -9.22 5.58 -25.96
N LYS B 199 -10.39 5.01 -26.24
CA LYS B 199 -11.64 5.58 -25.75
C LYS B 199 -11.69 5.61 -24.23
N GLU B 200 -11.21 4.55 -23.58
CA GLU B 200 -11.25 4.45 -22.13
C GLU B 200 -10.02 5.04 -21.46
N ASN B 201 -9.11 5.64 -22.23
CA ASN B 201 -7.89 6.25 -21.71
C ASN B 201 -7.06 5.24 -20.93
N ILE B 202 -6.97 4.02 -21.45
CA ILE B 202 -6.16 3.00 -20.80
C ILE B 202 -4.69 3.36 -20.96
N THR B 203 -3.95 3.30 -19.86
CA THR B 203 -2.52 3.61 -19.88
C THR B 203 -1.67 2.40 -19.55
N ALA B 204 -2.28 1.26 -19.23
CA ALA B 204 -1.52 0.04 -19.05
C ALA B 204 -0.91 -0.39 -20.37
N LYS B 205 0.30 -0.96 -20.30
CA LYS B 205 0.97 -1.43 -21.50
C LYS B 205 0.47 -2.82 -21.87
N VAL B 206 0.33 -3.06 -23.17
CA VAL B 206 -0.10 -4.36 -23.67
C VAL B 206 1.13 -5.25 -23.83
N VAL B 207 1.06 -6.44 -23.26
CA VAL B 207 2.04 -7.49 -23.52
C VAL B 207 1.44 -8.40 -24.57
N PHE B 208 1.96 -8.33 -25.79
CA PHE B 208 1.30 -8.97 -26.92
C PHE B 208 1.28 -10.49 -26.71
N ALA B 209 0.33 -11.13 -27.40
CA ALA B 209 0.06 -12.56 -27.32
C ALA B 209 1.33 -13.36 -27.15
N GLU B 210 1.46 -14.03 -26.01
CA GLU B 210 2.71 -14.64 -25.58
C GLU B 210 2.85 -16.00 -26.25
N ASN B 211 3.63 -16.04 -27.33
CA ASN B 211 3.88 -17.27 -28.07
C ASN B 211 4.52 -18.32 -27.17
N MET B 212 4.11 -19.59 -27.34
CA MET B 212 4.73 -20.66 -26.57
C MET B 212 6.20 -20.84 -26.94
N SER B 213 6.55 -20.62 -28.20
CA SER B 213 7.92 -20.62 -28.67
C SER B 213 8.44 -19.19 -28.74
N PHE B 214 9.76 -19.05 -28.59
CA PHE B 214 10.37 -17.74 -28.47
C PHE B 214 10.68 -17.17 -29.86
N ASN B 215 9.64 -16.60 -30.46
CA ASN B 215 9.77 -15.91 -31.74
C ASN B 215 8.68 -14.84 -31.84
N GLU B 216 8.83 -13.94 -32.81
CA GLU B 216 7.94 -12.80 -32.95
C GLU B 216 6.89 -13.01 -34.04
N GLN B 217 6.68 -14.25 -34.48
CA GLN B 217 5.79 -14.50 -35.62
C GLN B 217 4.37 -14.04 -35.35
N TYR B 218 3.89 -14.14 -34.10
CA TYR B 218 2.53 -13.74 -33.82
C TYR B 218 2.36 -12.22 -33.81
N ALA B 219 3.44 -11.47 -33.64
CA ALA B 219 3.38 -10.03 -33.54
C ALA B 219 3.69 -9.30 -34.85
N ILE B 220 4.30 -9.98 -35.82
CA ILE B 220 4.75 -9.30 -37.03
C ILE B 220 3.58 -8.59 -37.72
N ASN B 221 2.44 -9.28 -37.86
CA ASN B 221 1.30 -8.70 -38.54
C ASN B 221 0.83 -7.42 -37.85
N SER B 222 0.84 -7.41 -36.52
CA SER B 222 0.40 -6.23 -35.78
C SER B 222 1.47 -5.14 -35.78
N LEU B 223 2.75 -5.53 -35.69
CA LEU B 223 3.83 -4.55 -35.70
C LEU B 223 3.87 -3.77 -37.01
N ASN B 224 3.52 -4.39 -38.13
CA ASN B 224 3.54 -3.73 -39.42
C ASN B 224 2.23 -3.03 -39.75
N ASP B 225 1.23 -3.11 -38.88
CA ASP B 225 -0.02 -2.39 -39.05
C ASP B 225 0.09 -1.01 -38.41
N PRO B 226 -0.23 0.07 -39.14
CA PRO B 226 -0.01 1.42 -38.59
C PRO B 226 -0.88 1.74 -37.39
N ILE B 227 -2.01 1.07 -37.20
CA ILE B 227 -2.87 1.30 -36.05
C ILE B 227 -2.65 0.27 -34.95
N ALA B 228 -2.45 -1.00 -35.32
CA ALA B 228 -2.16 -2.02 -34.32
C ALA B 228 -0.86 -1.73 -33.58
N VAL B 229 0.12 -1.16 -34.28
CA VAL B 229 1.43 -0.93 -33.68
C VAL B 229 1.38 0.11 -32.56
N LYS B 230 0.30 0.90 -32.47
CA LYS B 230 0.18 1.88 -31.41
C LYS B 230 0.29 1.22 -30.04
N ARG B 231 -0.40 0.09 -29.85
CA ARG B 231 -0.48 -0.55 -28.53
C ARG B 231 0.15 -1.93 -28.52
N VAL B 232 1.12 -2.18 -29.40
CA VAL B 232 1.99 -3.34 -29.21
C VAL B 232 3.16 -2.82 -28.39
N ASP B 233 2.91 -2.51 -27.13
CA ASP B 233 3.94 -1.90 -26.29
C ASP B 233 5.08 -2.88 -26.07
N ILE B 234 4.74 -4.13 -25.80
CA ILE B 234 5.72 -5.17 -25.50
C ILE B 234 5.30 -6.44 -26.24
N VAL B 235 6.25 -7.05 -26.94
CA VAL B 235 6.02 -8.35 -27.55
C VAL B 235 6.48 -9.42 -26.55
N GLY B 236 5.54 -10.23 -26.09
CA GLY B 236 5.82 -11.28 -25.14
C GLY B 236 5.97 -12.63 -25.80
N ALA B 237 6.68 -13.53 -25.13
CA ALA B 237 6.88 -14.88 -25.65
C ALA B 237 7.40 -15.76 -24.52
N HIS B 238 7.14 -17.06 -24.64
CA HIS B 238 7.73 -18.05 -23.76
C HIS B 238 8.93 -18.69 -24.46
N ASN B 239 9.65 -19.55 -23.74
CA ASN B 239 10.82 -20.21 -24.30
C ASN B 239 10.76 -21.72 -24.05
N TYR B 240 9.60 -22.30 -24.32
CA TYR B 240 9.41 -23.73 -24.18
C TYR B 240 9.81 -24.42 -25.48
N GLY B 241 10.84 -25.27 -25.39
CA GLY B 241 11.33 -25.98 -26.55
C GLY B 241 12.02 -25.13 -27.60
N SER B 242 12.37 -23.88 -27.28
CA SER B 242 13.00 -23.00 -28.25
C SER B 242 14.31 -22.44 -27.71
N SER B 243 14.90 -21.49 -28.43
CA SER B 243 16.11 -20.83 -27.98
C SER B 243 15.96 -19.33 -28.20
N TYR B 244 16.99 -18.57 -27.82
CA TYR B 244 16.90 -17.11 -27.86
C TYR B 244 17.44 -16.58 -29.17
N ILE B 245 16.62 -15.79 -29.85
CA ILE B 245 16.94 -15.24 -31.17
C ILE B 245 16.56 -13.76 -31.19
N PRO B 246 17.14 -13.00 -32.11
CA PRO B 246 16.73 -11.61 -32.27
C PRO B 246 15.30 -11.48 -32.77
N PHE B 247 14.59 -10.47 -32.25
CA PHE B 247 13.27 -10.09 -32.74
C PHE B 247 13.49 -8.88 -33.66
N THR B 248 13.70 -9.15 -34.95
CA THR B 248 14.11 -8.09 -35.88
C THR B 248 13.05 -7.00 -36.00
N THR B 249 11.80 -7.39 -36.25
CA THR B 249 10.74 -6.42 -36.47
C THR B 249 10.38 -5.69 -35.19
N THR B 250 10.41 -6.39 -34.05
CA THR B 250 10.08 -5.73 -32.78
C THR B 250 11.07 -4.63 -32.47
N LYS B 251 12.36 -4.87 -32.68
CA LYS B 251 13.36 -3.84 -32.43
C LYS B 251 13.23 -2.68 -33.41
N SER B 252 12.89 -2.97 -34.66
CA SER B 252 12.80 -1.91 -35.65
C SER B 252 11.67 -0.95 -35.34
N LYS B 253 10.64 -1.42 -34.63
CA LYS B 253 9.55 -0.56 -34.20
C LYS B 253 9.77 0.02 -32.81
N GLY B 254 10.92 -0.26 -32.19
CA GLY B 254 11.22 0.27 -30.88
C GLY B 254 10.35 -0.24 -29.75
N LYS B 255 9.94 -1.50 -29.80
CA LYS B 255 9.08 -2.07 -28.78
C LYS B 255 9.89 -2.90 -27.78
N GLY B 256 9.25 -3.24 -26.66
CA GLY B 256 9.88 -4.07 -25.67
C GLY B 256 9.72 -5.55 -25.96
N ILE B 257 10.52 -6.36 -25.26
CA ILE B 257 10.52 -7.82 -25.41
C ILE B 257 10.50 -8.42 -24.01
N TRP B 258 9.41 -9.11 -23.68
CA TRP B 258 9.26 -9.78 -22.38
C TRP B 258 9.21 -11.28 -22.60
N MET B 259 10.10 -12.02 -21.95
CA MET B 259 9.98 -13.48 -21.87
C MET B 259 9.22 -13.80 -20.60
N THR B 260 7.91 -14.05 -20.73
CA THR B 260 6.99 -14.02 -19.60
C THR B 260 6.79 -15.38 -18.92
N GLU B 261 7.40 -16.45 -19.42
CA GLU B 261 7.28 -17.73 -18.76
C GLU B 261 8.22 -18.78 -19.33
N VAL B 262 8.94 -19.47 -18.44
CA VAL B 262 9.71 -20.66 -18.81
C VAL B 262 9.90 -21.47 -17.53
N SER B 263 10.05 -22.77 -17.69
CA SER B 263 10.25 -23.69 -16.56
C SER B 263 10.67 -25.04 -17.15
N ASP B 264 10.98 -25.97 -16.25
CA ASP B 264 11.33 -27.35 -16.59
C ASP B 264 10.16 -28.24 -16.22
N MET B 265 9.36 -28.63 -17.21
CA MET B 265 8.18 -29.46 -16.96
C MET B 265 8.45 -30.94 -17.13
N ASN B 266 9.61 -31.32 -17.69
CA ASN B 266 9.89 -32.72 -17.99
C ASN B 266 10.80 -33.39 -16.98
N GLY B 267 11.48 -32.63 -16.12
CA GLY B 267 12.34 -33.19 -15.11
C GLY B 267 12.21 -32.45 -13.80
N ASN B 268 12.93 -32.96 -12.79
CA ASN B 268 12.91 -32.38 -11.44
C ASN B 268 14.35 -32.32 -10.95
N ASP B 269 15.06 -31.27 -11.37
CA ASP B 269 16.42 -30.99 -10.93
C ASP B 269 16.40 -29.71 -10.12
N THR B 270 16.74 -29.80 -8.83
CA THR B 270 16.81 -28.64 -7.96
C THR B 270 18.23 -28.27 -7.58
N THR B 271 19.21 -28.80 -8.29
CA THR B 271 20.62 -28.55 -7.97
C THR B 271 21.14 -27.37 -8.78
N ILE B 272 22.43 -27.08 -8.59
CA ILE B 272 23.08 -25.98 -9.28
C ILE B 272 23.11 -26.19 -10.80
N ASN B 273 23.05 -27.43 -11.28
CA ASN B 273 23.01 -27.65 -12.72
C ASN B 273 21.78 -27.02 -13.34
N ASP B 274 20.61 -27.27 -12.76
CA ASP B 274 19.39 -26.64 -13.26
C ASP B 274 19.43 -25.13 -13.04
N GLY B 275 19.97 -24.70 -11.91
CA GLY B 275 20.10 -23.27 -11.65
C GLY B 275 20.92 -22.57 -12.70
N LEU B 276 22.05 -23.16 -13.09
CA LEU B 276 22.92 -22.52 -14.08
C LEU B 276 22.30 -22.54 -15.47
N ARG B 277 21.43 -23.53 -15.73
CA ARG B 277 20.69 -23.53 -16.99
C ARG B 277 19.87 -22.26 -17.13
N TRP B 278 19.16 -21.87 -16.08
CA TRP B 278 18.29 -20.71 -16.17
C TRP B 278 19.08 -19.41 -16.13
N ALA B 279 20.21 -19.38 -15.42
CA ALA B 279 21.11 -18.23 -15.50
C ALA B 279 21.62 -18.05 -16.93
N LYS B 280 22.04 -19.14 -17.58
CA LYS B 280 22.51 -19.04 -18.95
C LYS B 280 21.41 -18.59 -19.90
N GLU B 281 20.15 -18.97 -19.63
CA GLU B 281 19.05 -18.50 -20.46
C GLU B 281 18.88 -16.98 -20.33
N ILE B 282 19.00 -16.45 -19.11
CA ILE B 282 18.98 -15.00 -18.93
C ILE B 282 20.13 -14.36 -19.71
N HIS B 283 21.33 -14.93 -19.60
CA HIS B 283 22.49 -14.39 -20.33
C HIS B 283 22.22 -14.33 -21.83
N ASP B 284 21.65 -15.40 -22.40
CA ASP B 284 21.36 -15.40 -23.82
C ASP B 284 20.24 -14.43 -24.17
N PHE B 285 19.22 -14.34 -23.30
CA PHE B 285 18.15 -13.38 -23.49
C PHE B 285 18.68 -11.95 -23.52
N MET B 286 19.66 -11.66 -22.68
CA MET B 286 20.17 -10.30 -22.55
C MET B 286 21.12 -9.90 -23.68
N THR B 287 21.86 -10.86 -24.23
CA THR B 287 22.94 -10.58 -25.18
C THR B 287 22.56 -10.83 -26.63
N ILE B 288 21.66 -11.79 -26.89
CA ILE B 288 21.27 -12.10 -28.26
C ILE B 288 19.99 -11.35 -28.58
N THR B 289 18.92 -11.65 -27.83
CA THR B 289 17.66 -10.95 -28.04
C THR B 289 17.70 -9.51 -27.55
N GLU B 290 18.52 -9.25 -26.53
CA GLU B 290 18.57 -7.94 -25.86
C GLU B 290 17.17 -7.56 -25.37
N GLY B 291 16.48 -8.50 -24.76
CA GLY B 291 15.16 -8.26 -24.23
C GLY B 291 15.20 -7.50 -22.91
N ASN B 292 14.01 -7.20 -22.40
CA ASN B 292 13.85 -6.23 -21.32
C ASN B 292 13.34 -6.81 -20.01
N ALA B 293 12.63 -7.95 -20.04
CA ALA B 293 12.15 -8.59 -18.82
C ALA B 293 12.12 -10.09 -19.02
N TRP B 294 12.38 -10.83 -17.95
CA TRP B 294 12.50 -12.28 -17.98
C TRP B 294 11.77 -12.87 -16.79
N PHE B 295 10.92 -13.86 -17.03
CA PHE B 295 10.09 -14.47 -16.00
C PHE B 295 10.38 -15.96 -15.88
N TYR B 296 10.35 -16.47 -14.66
CA TYR B 296 10.12 -17.89 -14.49
C TYR B 296 8.61 -18.14 -14.42
N TRP B 297 8.23 -19.41 -14.37
CA TRP B 297 6.81 -19.74 -14.30
C TRP B 297 6.27 -19.44 -12.91
N TRP B 298 6.19 -20.43 -12.05
CA TRP B 298 5.69 -20.24 -10.69
C TRP B 298 6.81 -19.87 -9.74
N GLY B 299 6.54 -18.91 -8.85
CA GLY B 299 7.47 -18.65 -7.76
C GLY B 299 7.47 -19.78 -6.74
N ALA B 300 6.29 -20.10 -6.21
CA ALA B 300 6.11 -21.25 -5.33
C ALA B 300 4.87 -22.01 -5.78
N CYS B 301 4.99 -23.33 -5.93
CA CYS B 301 3.87 -24.16 -6.34
C CYS B 301 3.86 -25.44 -5.53
N PHE B 302 2.75 -26.17 -5.64
CA PHE B 302 2.57 -27.41 -4.90
C PHE B 302 3.12 -28.64 -5.64
N LYS B 303 3.75 -28.45 -6.80
CA LYS B 303 4.29 -29.54 -7.57
C LYS B 303 5.72 -29.83 -7.10
N THR B 304 5.89 -30.92 -6.36
CA THR B 304 7.21 -31.32 -5.88
C THR B 304 7.89 -32.31 -6.81
N TYR B 305 7.34 -32.52 -8.02
CA TYR B 305 7.84 -33.53 -8.93
C TYR B 305 8.41 -32.97 -10.23
N ASN B 306 8.40 -31.65 -10.41
CA ASN B 306 9.00 -31.05 -11.60
C ASN B 306 9.49 -29.66 -11.25
N GLY B 307 10.02 -28.97 -12.25
CA GLY B 307 10.59 -27.65 -12.03
C GLY B 307 9.71 -26.52 -12.52
N GLU B 308 8.39 -26.67 -12.36
CA GLU B 308 7.50 -25.60 -12.74
C GLU B 308 7.53 -24.42 -11.77
N GLY B 309 8.08 -24.61 -10.57
CA GLY B 309 8.21 -23.53 -9.62
C GLY B 309 9.64 -23.40 -9.13
N LEU B 310 9.93 -22.24 -8.54
CA LEU B 310 11.23 -22.05 -7.90
C LEU B 310 11.25 -22.64 -6.50
N ILE B 311 10.09 -22.68 -5.83
CA ILE B 311 9.94 -23.24 -4.50
C ILE B 311 8.86 -24.30 -4.58
N GLN B 312 9.20 -25.52 -4.18
CA GLN B 312 8.27 -26.65 -4.21
C GLN B 312 7.62 -26.80 -2.84
N MET B 313 6.28 -26.75 -2.81
CA MET B 313 5.52 -26.82 -1.57
C MET B 313 4.85 -28.18 -1.45
N ASP B 314 4.99 -28.78 -0.27
CA ASP B 314 4.33 -30.05 0.05
C ASP B 314 3.13 -29.71 0.93
N LEU B 315 1.94 -29.67 0.34
CA LEU B 315 0.76 -29.30 1.09
C LEU B 315 0.38 -30.35 2.14
N ASN B 316 0.87 -31.58 2.01
CA ASN B 316 0.55 -32.61 2.99
C ASN B 316 1.31 -32.36 4.29
N SER B 317 2.63 -32.23 4.21
CA SER B 317 3.43 -31.94 5.40
C SER B 317 3.48 -30.45 5.72
N LYS B 318 2.98 -29.59 4.82
CA LYS B 318 3.01 -28.15 5.00
C LYS B 318 4.44 -27.65 5.20
N THR B 319 5.33 -28.11 4.33
CA THR B 319 6.72 -27.69 4.27
C THR B 319 7.02 -27.22 2.84
N TYR B 320 8.24 -26.73 2.63
CA TYR B 320 8.63 -26.32 1.29
C TYR B 320 10.12 -26.54 1.11
N LYS B 321 10.54 -26.53 -0.15
CA LYS B 321 11.94 -26.69 -0.52
C LYS B 321 12.27 -25.66 -1.59
N VAL B 322 13.39 -24.96 -1.40
CA VAL B 322 13.82 -23.91 -2.33
C VAL B 322 14.87 -24.51 -3.26
N ALA B 323 14.62 -24.44 -4.56
CA ALA B 323 15.58 -24.95 -5.53
C ALA B 323 16.70 -23.93 -5.74
N LYS B 324 17.84 -24.43 -6.24
CA LYS B 324 18.96 -23.54 -6.51
C LYS B 324 18.64 -22.51 -7.59
N ARG B 325 17.64 -22.79 -8.44
CA ARG B 325 17.30 -21.83 -9.49
C ARG B 325 16.73 -20.53 -8.92
N LEU B 326 16.17 -20.54 -7.71
CA LEU B 326 15.72 -19.29 -7.11
C LEU B 326 16.89 -18.36 -6.88
N TYR B 327 18.02 -18.90 -6.43
CA TYR B 327 19.19 -18.07 -6.13
C TYR B 327 19.98 -17.71 -7.38
N THR B 328 20.08 -18.61 -8.36
CA THR B 328 20.82 -18.27 -9.58
C THR B 328 20.11 -17.21 -10.38
N ILE B 329 18.77 -17.28 -10.45
CA ILE B 329 18.02 -16.21 -11.08
C ILE B 329 18.14 -14.94 -10.25
N GLY B 330 18.14 -15.08 -8.93
CA GLY B 330 18.33 -13.93 -8.04
C GLY B 330 19.65 -13.24 -8.23
N GLN B 331 20.67 -13.92 -8.78
CA GLN B 331 21.93 -13.27 -9.08
C GLN B 331 21.77 -12.15 -10.10
N PHE B 332 20.69 -12.17 -10.87
CA PHE B 332 20.27 -11.06 -11.72
C PHE B 332 19.20 -10.21 -11.06
N SER B 333 18.13 -10.85 -10.58
CA SER B 333 16.89 -10.12 -10.27
C SER B 333 17.00 -9.33 -8.97
N ARG B 334 17.83 -9.77 -8.02
CA ARG B 334 17.91 -9.02 -6.77
C ARG B 334 18.54 -7.65 -7.00
N PHE B 335 19.52 -7.58 -7.90
CA PHE B 335 20.33 -6.38 -8.06
C PHE B 335 19.90 -5.51 -9.23
N ILE B 336 19.46 -6.11 -10.33
CA ILE B 336 19.09 -5.37 -11.52
C ILE B 336 17.63 -4.97 -11.36
N ARG B 337 17.40 -3.72 -10.94
CA ARG B 337 16.06 -3.22 -10.66
C ARG B 337 15.43 -2.65 -11.92
N PRO B 338 14.11 -2.50 -11.95
CA PRO B 338 13.45 -1.85 -13.09
C PRO B 338 14.08 -0.48 -13.35
N GLY B 339 14.41 -0.23 -14.62
CA GLY B 339 15.05 1.00 -15.01
C GLY B 339 16.54 0.91 -15.22
N TRP B 340 17.18 -0.16 -14.74
CA TRP B 340 18.60 -0.33 -14.98
C TRP B 340 18.87 -0.51 -16.49
N GLN B 341 20.13 -0.31 -16.85
CA GLN B 341 20.60 -0.37 -18.23
C GLN B 341 21.66 -1.44 -18.35
N ARG B 342 21.58 -2.25 -19.40
CA ARG B 342 22.68 -3.15 -19.74
C ARG B 342 23.81 -2.34 -20.37
N ILE B 343 25.05 -2.70 -20.01
CA ILE B 343 26.22 -2.05 -20.57
C ILE B 343 27.17 -3.12 -21.09
N GLU B 344 28.13 -2.67 -21.91
CA GLU B 344 29.01 -3.60 -22.60
C GLU B 344 29.94 -4.30 -21.62
N ALA B 345 30.10 -5.60 -21.81
CA ALA B 345 31.03 -6.44 -21.08
C ALA B 345 31.39 -7.62 -21.95
N THR B 346 32.65 -8.05 -21.88
CA THR B 346 33.11 -9.22 -22.62
C THR B 346 32.22 -10.40 -22.30
N LYS B 347 31.48 -10.89 -23.29
CA LYS B 347 30.37 -11.80 -23.01
C LYS B 347 30.84 -13.24 -22.77
N ASN B 348 31.95 -13.64 -23.38
CA ASN B 348 32.42 -15.03 -23.33
C ASN B 348 33.94 -15.00 -23.33
N PRO B 349 34.55 -14.61 -22.20
CA PRO B 349 36.01 -14.40 -22.20
C PRO B 349 36.81 -15.69 -22.26
N VAL B 350 36.27 -16.79 -21.76
CA VAL B 350 36.92 -18.08 -21.78
C VAL B 350 35.84 -19.14 -21.80
N SER B 351 36.25 -20.40 -21.98
CA SER B 351 35.32 -21.49 -22.12
C SER B 351 34.38 -21.57 -20.92
N ASN B 352 33.07 -21.62 -21.20
CA ASN B 352 32.02 -21.83 -20.22
C ASN B 352 31.89 -20.69 -19.22
N VAL B 353 32.38 -19.50 -19.57
CA VAL B 353 32.24 -18.31 -18.74
C VAL B 353 31.49 -17.26 -19.53
N TYR B 354 30.39 -16.77 -18.97
CA TYR B 354 29.48 -15.86 -19.65
C TYR B 354 29.19 -14.68 -18.72
N VAL B 355 29.40 -13.47 -19.23
CA VAL B 355 29.42 -12.26 -18.41
C VAL B 355 28.50 -11.21 -19.02
N THR B 356 27.72 -10.55 -18.16
CA THR B 356 26.96 -9.37 -18.55
C THR B 356 27.11 -8.32 -17.47
N ALA B 357 26.80 -7.07 -17.81
CA ALA B 357 26.95 -5.96 -16.87
C ALA B 357 25.81 -4.97 -17.03
N TYR B 358 25.46 -4.30 -15.92
CA TYR B 358 24.30 -3.45 -15.84
C TYR B 358 24.60 -2.28 -14.91
N LYS B 359 23.91 -1.16 -15.14
CA LYS B 359 24.09 0.01 -14.29
C LYS B 359 22.75 0.71 -14.11
N ASP B 360 22.65 1.48 -13.03
CA ASP B 360 21.49 2.32 -12.77
C ASP B 360 21.85 3.74 -13.18
N PRO B 361 21.31 4.26 -14.28
CA PRO B 361 21.70 5.61 -14.73
C PRO B 361 21.34 6.70 -13.75
N LYS B 362 20.47 6.44 -12.78
CA LYS B 362 20.07 7.46 -11.82
C LYS B 362 20.96 7.52 -10.59
N THR B 363 21.52 6.39 -10.16
CA THR B 363 22.27 6.33 -8.92
C THR B 363 23.73 5.96 -9.08
N GLY B 364 24.14 5.49 -10.25
CA GLY B 364 25.52 5.07 -10.43
C GLY B 364 25.85 3.70 -9.86
N LYS B 365 24.85 2.97 -9.37
CA LYS B 365 25.04 1.59 -8.95
C LYS B 365 25.16 0.68 -10.17
N PHE B 366 25.85 -0.44 -9.99
CA PHE B 366 26.09 -1.35 -11.10
C PHE B 366 26.21 -2.78 -10.58
N ALA B 367 26.13 -3.73 -11.51
CA ALA B 367 26.26 -5.15 -11.20
C ALA B 367 26.93 -5.83 -12.39
N ILE B 368 27.82 -6.77 -12.10
CA ILE B 368 28.49 -7.59 -13.10
C ILE B 368 28.18 -9.04 -12.77
N VAL B 369 27.49 -9.73 -13.68
CA VAL B 369 27.04 -11.10 -13.44
C VAL B 369 27.89 -12.06 -14.28
N ALA B 370 28.63 -12.94 -13.60
CA ALA B 370 29.55 -13.86 -14.26
C ALA B 370 29.15 -15.31 -13.95
N ILE B 371 28.95 -16.09 -15.00
CA ILE B 371 28.53 -17.49 -14.89
C ILE B 371 29.67 -18.38 -15.33
N ASN B 372 29.95 -19.42 -14.54
CA ASN B 372 30.87 -20.48 -14.93
C ASN B 372 30.07 -21.78 -14.87
N ASN B 373 29.59 -22.25 -16.01
CA ASN B 373 28.82 -23.49 -16.06
C ASN B 373 29.68 -24.68 -16.49
N GLY B 374 31.00 -24.54 -16.48
CA GLY B 374 31.91 -25.64 -16.72
C GLY B 374 32.49 -26.19 -15.43
N TRP B 375 33.34 -27.22 -15.59
CA TRP B 375 33.91 -27.93 -14.46
C TRP B 375 35.32 -27.48 -14.12
N SER B 376 35.82 -26.44 -14.78
CA SER B 376 37.15 -25.90 -14.52
C SER B 376 37.03 -24.54 -13.87
N LYS B 377 37.76 -24.33 -12.77
CA LYS B 377 37.83 -23.01 -12.17
C LYS B 377 38.52 -22.06 -13.14
N GLN B 378 38.09 -20.80 -13.14
CA GLN B 378 38.59 -19.81 -14.08
C GLN B 378 38.88 -18.52 -13.33
N SER B 379 40.14 -18.08 -13.38
CA SER B 379 40.51 -16.78 -12.87
C SER B 379 40.19 -15.72 -13.92
N ILE B 380 39.40 -14.73 -13.54
CA ILE B 380 38.98 -13.66 -14.44
C ILE B 380 39.45 -12.33 -13.85
N THR B 381 40.08 -11.50 -14.68
CA THR B 381 40.43 -10.13 -14.32
C THR B 381 39.49 -9.19 -15.07
N TYR B 382 38.79 -8.35 -14.31
CA TYR B 382 37.81 -7.43 -14.86
C TYR B 382 38.43 -6.05 -14.96
N THR B 383 38.37 -5.46 -16.14
CA THR B 383 38.86 -4.10 -16.38
C THR B 383 37.66 -3.20 -16.60
N LEU B 384 37.50 -2.20 -15.73
CA LEU B 384 36.35 -1.31 -15.77
C LEU B 384 36.73 -0.06 -16.54
N LYS B 385 36.05 0.17 -17.66
CA LYS B 385 36.35 1.27 -18.56
C LYS B 385 35.32 2.38 -18.37
N GLY B 386 35.79 3.58 -18.05
CA GLY B 386 34.88 4.70 -17.88
C GLY B 386 34.30 4.86 -16.50
N PHE B 387 34.75 4.08 -15.52
CA PHE B 387 34.32 4.24 -14.14
C PHE B 387 35.32 3.51 -13.27
N SER B 388 35.47 4.00 -12.04
CA SER B 388 36.55 3.54 -11.15
C SER B 388 36.03 3.48 -9.71
N PRO B 389 35.21 2.48 -9.39
CA PRO B 389 34.77 2.32 -8.01
C PRO B 389 35.90 1.82 -7.12
N ALA B 390 35.72 2.02 -5.82
CA ALA B 390 36.76 1.64 -4.87
C ALA B 390 36.76 0.15 -4.59
N SER B 391 35.60 -0.48 -4.62
CA SER B 391 35.47 -1.89 -4.29
C SER B 391 34.18 -2.42 -4.90
N VAL B 392 34.07 -3.74 -4.90
CA VAL B 392 32.86 -4.44 -5.30
C VAL B 392 32.57 -5.52 -4.26
N THR B 393 31.29 -5.82 -4.08
CA THR B 393 30.85 -6.88 -3.17
C THR B 393 30.41 -8.08 -4.00
N PRO B 394 30.99 -9.26 -3.79
CA PRO B 394 30.57 -10.44 -4.54
C PRO B 394 29.48 -11.23 -3.81
N TYR B 395 28.52 -11.72 -4.59
CA TYR B 395 27.51 -12.66 -4.13
C TYR B 395 27.61 -13.90 -5.01
N THR B 396 27.61 -15.07 -4.40
CA THR B 396 27.88 -16.29 -5.14
C THR B 396 26.85 -17.36 -4.80
N THR B 397 26.40 -18.08 -5.83
CA THR B 397 25.55 -19.24 -5.68
C THR B 397 26.27 -20.44 -6.30
N SER B 398 26.31 -21.55 -5.57
CA SER B 398 26.96 -22.76 -6.03
C SER B 398 26.25 -23.94 -5.39
N SER B 399 26.88 -25.12 -5.48
CA SER B 399 26.30 -26.30 -4.84
C SER B 399 26.17 -26.11 -3.33
N THR B 400 26.99 -25.24 -2.74
CA THR B 400 27.00 -25.03 -1.30
C THR B 400 26.60 -23.61 -0.89
N GLN B 401 26.35 -22.71 -1.83
CA GLN B 401 26.12 -21.30 -1.53
C GLN B 401 24.82 -20.82 -2.15
N ASN B 402 24.08 -19.99 -1.41
CA ASN B 402 22.81 -19.44 -1.87
C ASN B 402 22.89 -17.92 -1.78
N LEU B 403 23.20 -17.26 -2.89
CA LEU B 403 23.37 -15.80 -2.93
C LEU B 403 24.20 -15.32 -1.75
N GLU B 404 25.33 -15.97 -1.55
CA GLU B 404 26.14 -15.75 -0.36
C GLU B 404 27.06 -14.55 -0.56
N LYS B 405 26.95 -13.56 0.32
CA LYS B 405 27.81 -12.40 0.24
C LYS B 405 29.22 -12.75 0.68
N GLY B 406 30.20 -12.43 -0.17
CA GLY B 406 31.59 -12.62 0.17
C GLY B 406 32.24 -11.33 0.65
N SER B 407 33.51 -11.45 1.06
CA SER B 407 34.26 -10.28 1.45
C SER B 407 34.45 -9.34 0.27
N ASP B 408 34.51 -8.05 0.56
CA ASP B 408 34.65 -7.05 -0.49
C ASP B 408 35.97 -7.21 -1.22
N ILE B 409 35.95 -6.87 -2.51
CA ILE B 409 37.11 -6.97 -3.38
C ILE B 409 37.57 -5.54 -3.68
N THR B 410 38.85 -5.27 -3.42
CA THR B 410 39.39 -3.95 -3.69
C THR B 410 39.63 -3.79 -5.18
N VAL B 411 39.14 -2.69 -5.74
CA VAL B 411 39.36 -2.35 -7.15
C VAL B 411 40.58 -1.46 -7.23
N ASN B 412 41.58 -1.88 -8.00
CA ASN B 412 42.86 -1.19 -8.09
C ASN B 412 43.05 -0.70 -9.52
N ASN B 413 43.01 0.63 -9.69
CA ASN B 413 43.15 1.26 -11.00
C ASN B 413 42.15 0.68 -11.99
N SER B 414 40.89 0.62 -11.56
CA SER B 414 39.79 0.13 -12.40
C SER B 414 40.02 -1.32 -12.84
N SER B 415 40.58 -2.13 -11.96
CA SER B 415 40.75 -3.56 -12.25
C SER B 415 40.63 -4.36 -10.96
N PHE B 416 39.89 -5.46 -11.03
CA PHE B 416 39.88 -6.44 -9.95
C PHE B 416 39.82 -7.83 -10.56
N SER B 417 40.18 -8.83 -9.75
CA SER B 417 40.23 -10.21 -10.20
C SER B 417 39.47 -11.10 -9.23
N PHE B 418 38.91 -12.19 -9.77
CA PHE B 418 38.15 -13.12 -8.97
C PHE B 418 38.19 -14.48 -9.67
N GLU B 419 38.28 -15.54 -8.89
CA GLU B 419 38.30 -16.90 -9.43
C GLU B 419 36.90 -17.48 -9.35
N LEU B 420 36.29 -17.72 -10.51
CA LEU B 420 34.96 -18.31 -10.58
C LEU B 420 35.06 -19.81 -10.34
N ALA B 421 34.43 -20.28 -9.26
CA ALA B 421 34.44 -21.69 -8.95
C ALA B 421 33.70 -22.47 -10.03
N PRO B 422 34.02 -23.76 -10.19
CA PRO B 422 33.26 -24.58 -11.14
C PRO B 422 31.79 -24.62 -10.77
N ASN B 423 30.95 -24.55 -11.80
CA ASN B 423 29.50 -24.65 -11.65
C ASN B 423 28.98 -23.65 -10.60
N SER B 424 29.25 -22.38 -10.86
CA SER B 424 28.84 -21.33 -9.94
C SER B 424 28.52 -20.07 -10.72
N ILE B 425 27.91 -19.12 -10.02
CA ILE B 425 27.59 -17.82 -10.59
C ILE B 425 27.90 -16.78 -9.53
N THR B 426 28.59 -15.70 -9.92
CA THR B 426 28.94 -14.63 -9.01
C THR B 426 28.50 -13.31 -9.61
N THR B 427 27.87 -12.47 -8.79
CA THR B 427 27.54 -11.10 -9.15
C THR B 427 28.36 -10.15 -8.30
N PHE B 428 29.05 -9.23 -8.96
CA PHE B 428 29.83 -8.19 -8.30
C PHE B 428 29.01 -6.92 -8.30
N VAL B 429 28.77 -6.38 -7.11
CA VAL B 429 27.89 -5.23 -6.92
C VAL B 429 28.73 -4.09 -6.34
N GLY B 430 28.51 -2.88 -6.86
CA GLY B 430 29.23 -1.72 -6.37
C GLY B 430 28.49 -0.43 -6.65
N ASP B 431 29.09 0.67 -6.20
CA ASP B 431 28.53 2.00 -6.40
C ASP B 431 29.63 2.94 -6.85
N THR B 432 29.29 3.86 -7.76
CA THR B 432 30.23 4.88 -8.20
C THR B 432 30.00 6.23 -7.54
N GLU B 433 28.81 6.47 -6.99
CA GLU B 433 28.49 7.70 -6.28
C GLU B 433 28.42 7.40 -4.80
N SER B 434 29.05 8.24 -3.98
CA SER B 434 29.09 8.01 -2.55
C SER B 434 28.66 9.27 -1.79
#